data_6PL5
#
_entry.id   6PL5
#
_cell.length_a   119.570
_cell.length_b   119.570
_cell.length_c   267.300
_cell.angle_alpha   90.000
_cell.angle_beta   90.000
_cell.angle_gamma   120.000
#
_symmetry.space_group_name_H-M   'P 32 2 1'
#
loop_
_entity.id
_entity.type
_entity.pdbx_description
1 polymer 'Peptidoglycan glycosyltransferase RodA'
2 polymer 'Penicillin-binding protein 2/cell division protein FtsI'
3 polymer 'Unknown peptide'
#
loop_
_entity_poly.entity_id
_entity_poly.type
_entity_poly.pdbx_seq_one_letter_code
_entity_poly.pdbx_strand_id
1 'polypeptide(L)'
;DYKDDDDLEVLFQGPGGSSAPARPNWLAYDWGLVFLVAAIVALGFVNLGSAAPDPVLLYRQSVALGLGLLLAFLLQFLSR
RRLFGLAYPLYGASLLLLALVLVVGREINGARAWFVLGPLQFQPLELAKLGLLLALAKALEGRPIARVWDYALPALLTLP
VVGLLLLQPDLGGALVVLFGVFVVVFVRGLPWRHLLVGLFALALLVPTAVWPNLKPYQRERVLIVLDPYRDPLGQGFQVI
QSTIAIGSGGLFGKGYGQGTQAQLGFIPFRHTDFVFSVWAEEWGFVGVVGLLGLYGLLLARLFALALACPRLSDRLFLSG
FAGMLGFQVVVNLGVALGVMPVTGLTLPLFSYGGSSLIATLAGLGLVLLVHRDRYQD
;
A
2 'polypeptide(L)'
;MGTGRIHALALFFALALFLLGLRAWQLQVLEYERYALRSQGNYLKTEDIPAPRGKILDRKGRVLAQDRLVVDLVYTGGEV
AFKERLLPLLGLEDLPQVTEPTVLKAGVPEALRPTLEELTAGQKNLYLRERIERYYPNPISGPVMGYVLRANAAQVKQGY
SPEEEVGQAGLEAALEPYLRGKRGVRAVEVNVRGERLRETVLEEPTPGQDVVLTLDLALQRAAEKALEEALADINAGRRL
NGLPEEKQVKGAIVALDPTTGEVLAMASAPSFDPNLFAKRPVPEEAKALLEDKNLPLLNRAVQPYTPGSTFKLATSYALL
EEGYVTPATTYRCSPYIVFGGQVRRNWASRDMGPMTVREAIAWSCNTWYYQAVAQDPLGFVDRLARRARLLGLGEATGLE
VAEKTGLLPTRAWKREALGEPWYPGETLSVAIGQGAVLATPAQIARMLATIATGGNKPALHLVKAIGGVPVQPRWEKVPG
RYWKVLQEGLRKTVSEGTARFVLGEFPVPTGGKTGTAETPGKRRGLEHAWYMGYGPTDGSPYPPLVVVAFFENGGEGSRV
ALPAVRKVMAAYWGIKGSLEVLFQGPEDQVDPRLIDGK
;
B
3 'polypeptide(L)' (UNK)(UNK)(UNK)(UNK)(UNK)(UNK)(UNK)(UNK)(UNK)(UNK)(UNK) D
#
# COMPACT_ATOMS: atom_id res chain seq x y z
N TRP A 26 60.75 25.23 4.76
CA TRP A 26 61.80 24.50 5.48
C TRP A 26 61.97 23.09 4.91
N LEU A 27 61.03 22.70 4.04
CA LEU A 27 61.06 21.39 3.38
C LEU A 27 61.06 20.26 4.41
N ALA A 28 60.16 20.35 5.38
CA ALA A 28 60.00 19.33 6.40
C ALA A 28 58.61 18.71 6.38
N TYR A 29 57.96 18.74 5.21
CA TYR A 29 56.64 18.15 5.06
C TYR A 29 56.77 16.64 4.81
N ASP A 30 55.63 16.00 4.60
CA ASP A 30 55.56 14.60 4.20
C ASP A 30 55.18 14.57 2.73
N TRP A 31 56.17 14.40 1.86
CA TRP A 31 55.93 14.40 0.42
C TRP A 31 55.13 13.19 -0.03
N GLY A 32 55.15 12.10 0.75
CA GLY A 32 54.30 10.97 0.40
C GLY A 32 52.83 11.33 0.43
N LEU A 33 52.42 12.16 1.40
CA LEU A 33 51.04 12.62 1.42
C LEU A 33 50.76 13.55 0.25
N VAL A 34 51.76 14.36 -0.15
CA VAL A 34 51.57 15.27 -1.27
C VAL A 34 51.49 14.49 -2.58
N PHE A 35 52.30 13.44 -2.72
CA PHE A 35 52.28 12.65 -3.95
C PHE A 35 50.96 11.89 -4.09
N LEU A 36 50.43 11.36 -2.99
CA LEU A 36 49.14 10.70 -3.06
C LEU A 36 48.03 11.65 -3.46
N VAL A 37 48.10 12.90 -2.98
CA VAL A 37 47.12 13.90 -3.39
C VAL A 37 47.27 14.21 -4.87
N ALA A 38 48.52 14.34 -5.36
CA ALA A 38 48.73 14.69 -6.75
C ALA A 38 48.31 13.55 -7.69
N ALA A 39 48.56 12.30 -7.28
CA ALA A 39 48.26 11.17 -8.14
C ALA A 39 46.76 10.99 -8.35
N ILE A 40 45.94 11.38 -7.38
CA ILE A 40 44.49 11.24 -7.53
C ILE A 40 43.89 12.43 -8.27
N VAL A 41 44.38 13.64 -8.02
CA VAL A 41 43.90 14.78 -8.80
C VAL A 41 44.35 14.64 -10.25
N ALA A 42 45.44 13.93 -10.49
CA ALA A 42 45.89 13.67 -11.85
C ALA A 42 44.88 12.80 -12.60
N LEU A 43 44.53 11.65 -12.01
CA LEU A 43 43.45 10.85 -12.58
C LEU A 43 42.14 11.63 -12.58
N GLY A 44 42.01 12.60 -11.68
CA GLY A 44 40.82 13.43 -11.66
C GLY A 44 40.58 14.14 -12.97
N PHE A 45 41.59 14.85 -13.47
CA PHE A 45 41.47 15.50 -14.77
C PHE A 45 41.40 14.49 -15.90
N VAL A 46 42.07 13.35 -15.76
CA VAL A 46 42.02 12.31 -16.79
C VAL A 46 40.61 11.76 -16.91
N ASN A 47 39.99 11.43 -15.77
CA ASN A 47 38.62 10.94 -15.81
C ASN A 47 37.66 12.03 -16.27
N LEU A 48 37.98 13.30 -16.01
CA LEU A 48 37.20 14.38 -16.56
C LEU A 48 37.44 14.60 -18.06
N GLY A 49 38.18 13.71 -18.71
CA GLY A 49 38.30 13.75 -20.16
C GLY A 49 37.07 13.19 -20.82
N SER A 50 36.57 12.06 -20.29
CA SER A 50 35.35 11.44 -20.78
C SER A 50 34.13 11.99 -20.05
N ALA A 51 34.18 12.07 -18.73
CA ALA A 51 33.13 12.72 -17.96
C ALA A 51 33.30 14.22 -18.07
N ALA A 52 32.20 14.92 -18.34
CA ALA A 52 32.22 16.35 -18.61
C ALA A 52 33.23 16.70 -19.72
N PRO A 53 33.02 16.19 -20.94
CA PRO A 53 33.98 16.49 -22.02
C PRO A 53 33.92 17.92 -22.51
N ASP A 54 32.89 18.67 -22.13
CA ASP A 54 32.70 20.06 -22.49
C ASP A 54 33.96 20.86 -22.16
N PRO A 55 34.65 21.40 -23.17
CA PRO A 55 35.88 22.16 -22.89
C PRO A 55 35.66 23.38 -22.02
N VAL A 56 34.45 23.91 -21.97
CA VAL A 56 34.15 25.01 -21.05
C VAL A 56 34.21 24.52 -19.61
N LEU A 57 33.92 23.24 -19.38
CA LEU A 57 34.02 22.69 -18.03
C LEU A 57 35.46 22.40 -17.65
N LEU A 58 36.26 21.91 -18.60
CA LEU A 58 37.67 21.62 -18.29
C LEU A 58 38.44 22.88 -17.95
N TYR A 59 38.00 24.04 -18.45
CA TYR A 59 38.68 25.29 -18.13
C TYR A 59 38.44 25.70 -16.69
N ARG A 60 37.17 25.71 -16.26
CA ARG A 60 36.85 26.13 -14.90
C ARG A 60 37.37 25.14 -13.86
N GLN A 61 37.67 23.91 -14.25
CA GLN A 61 38.30 22.97 -13.32
C GLN A 61 39.81 23.20 -13.26
N SER A 62 40.43 23.51 -14.39
CA SER A 62 41.87 23.77 -14.40
C SER A 62 42.20 25.04 -13.62
N VAL A 63 41.41 26.10 -13.79
CA VAL A 63 41.62 27.32 -13.02
C VAL A 63 41.24 27.13 -11.56
N ALA A 64 40.44 26.10 -11.26
CA ALA A 64 40.14 25.78 -9.87
C ALA A 64 41.33 25.11 -9.18
N LEU A 65 42.13 24.34 -9.92
CA LEU A 65 43.32 23.74 -9.34
C LEU A 65 44.39 24.78 -9.07
N GLY A 66 44.55 25.73 -10.00
CA GLY A 66 45.54 26.79 -9.81
C GLY A 66 45.24 27.63 -8.58
N LEU A 67 43.97 27.99 -8.38
CA LEU A 67 43.60 28.72 -7.17
C LEU A 67 43.61 27.81 -5.95
N GLY A 68 43.34 26.52 -6.13
CA GLY A 68 43.40 25.60 -5.01
C GLY A 68 44.83 25.36 -4.54
N LEU A 69 45.78 25.35 -5.47
CA LEU A 69 47.18 25.18 -5.09
C LEU A 69 47.82 26.47 -4.61
N LEU A 70 47.37 27.62 -5.13
CA LEU A 70 47.91 28.89 -4.67
C LEU A 70 47.41 29.22 -3.26
N LEU A 71 46.14 28.92 -2.98
CA LEU A 71 45.61 29.17 -1.65
C LEU A 71 46.31 28.30 -0.60
N ALA A 72 46.52 27.02 -0.92
CA ALA A 72 47.28 26.16 -0.01
C ALA A 72 48.72 26.63 0.12
N PHE A 73 49.28 27.19 -0.95
CA PHE A 73 50.61 27.78 -0.86
C PHE A 73 50.59 29.04 0.01
N LEU A 74 49.53 29.83 -0.09
CA LEU A 74 49.42 31.03 0.74
C LEU A 74 49.13 30.68 2.19
N LEU A 75 48.41 29.58 2.44
CA LEU A 75 48.16 29.15 3.81
C LEU A 75 49.42 28.69 4.51
N GLN A 76 50.45 28.28 3.76
CA GLN A 76 51.71 27.90 4.38
C GLN A 76 52.42 29.07 5.03
N PHE A 77 52.11 30.30 4.63
CA PHE A 77 52.64 31.50 5.28
C PHE A 77 51.89 31.85 6.55
N LEU A 78 51.58 30.86 7.38
CA LEU A 78 50.89 31.07 8.63
C LEU A 78 51.48 30.12 9.68
N SER A 79 51.25 30.43 10.94
CA SER A 79 51.71 29.60 12.05
C SER A 79 50.53 28.84 12.65
N ARG A 80 50.85 27.78 13.38
CA ARG A 80 49.81 26.95 13.98
C ARG A 80 49.06 27.70 15.07
N ARG A 81 49.78 28.53 15.85
CA ARG A 81 49.12 29.30 16.90
C ARG A 81 48.10 30.28 16.33
N ARG A 82 48.46 30.95 15.23
CA ARG A 82 47.51 31.84 14.56
C ARG A 82 46.33 31.05 14.01
N LEU A 83 46.58 29.83 13.54
CA LEU A 83 45.51 29.00 13.00
C LEU A 83 44.47 28.68 14.07
N PHE A 84 44.93 28.23 15.24
CA PHE A 84 44.03 27.97 16.35
C PHE A 84 43.62 29.23 17.10
N GLY A 85 44.23 30.37 16.77
CA GLY A 85 43.77 31.63 17.32
C GLY A 85 42.48 32.14 16.70
N LEU A 86 42.15 31.65 15.50
CA LEU A 86 40.93 32.03 14.80
C LEU A 86 39.90 30.90 14.81
N ALA A 87 39.98 29.98 15.78
CA ALA A 87 39.03 28.88 15.84
C ALA A 87 37.62 29.39 16.09
N TYR A 88 37.43 30.13 17.18
CA TYR A 88 36.14 30.70 17.52
C TYR A 88 35.73 31.82 16.56
N PRO A 89 36.66 32.67 16.09
CA PRO A 89 36.28 33.61 15.03
C PRO A 89 35.72 32.94 13.78
N LEU A 90 36.40 31.90 13.28
CA LEU A 90 35.90 31.21 12.09
C LEU A 90 34.60 30.47 12.38
N TYR A 91 34.50 29.84 13.55
CA TYR A 91 33.26 29.16 13.94
C TYR A 91 32.11 30.15 14.01
N GLY A 92 32.32 31.28 14.71
CA GLY A 92 31.27 32.28 14.80
C GLY A 92 30.95 32.94 13.47
N ALA A 93 31.96 33.09 12.60
CA ALA A 93 31.71 33.62 11.27
C ALA A 93 31.03 32.61 10.36
N SER A 94 31.33 31.32 10.52
CA SER A 94 30.65 30.30 9.74
C SER A 94 29.17 30.26 10.07
N LEU A 95 28.82 30.46 11.34
CA LEU A 95 27.41 30.50 11.72
C LEU A 95 26.72 31.72 11.10
N LEU A 96 27.42 32.84 10.99
CA LEU A 96 26.85 34.01 10.35
C LEU A 96 26.59 33.76 8.87
N LEU A 97 27.38 32.90 8.24
CA LEU A 97 27.17 32.57 6.83
C LEU A 97 26.06 31.54 6.66
N LEU A 98 26.02 30.53 7.53
CA LEU A 98 24.95 29.55 7.48
C LEU A 98 23.59 30.15 7.82
N ALA A 99 23.56 31.24 8.59
CA ALA A 99 22.31 31.95 8.85
C ALA A 99 22.00 32.99 7.78
N LEU A 100 23.00 33.43 7.01
CA LEU A 100 22.78 34.36 5.92
C LEU A 100 22.53 33.67 4.58
N VAL A 101 23.01 32.43 4.42
CA VAL A 101 22.80 31.71 3.17
C VAL A 101 21.33 31.40 2.94
N LEU A 102 20.52 31.36 3.99
CA LEU A 102 19.10 31.09 3.88
C LEU A 102 18.29 32.33 3.53
N VAL A 103 18.95 33.45 3.22
CA VAL A 103 18.26 34.70 2.90
C VAL A 103 18.66 35.15 1.49
N VAL A 104 19.96 35.34 1.26
CA VAL A 104 20.45 35.89 0.00
C VAL A 104 21.26 34.82 -0.74
N GLY A 105 20.85 33.55 -0.58
CA GLY A 105 21.50 32.47 -1.29
C GLY A 105 20.77 32.11 -2.57
N ARG A 106 21.38 31.18 -3.31
CA ARG A 106 20.83 30.69 -4.57
C ARG A 106 20.40 29.23 -4.41
N GLU A 107 19.21 28.92 -4.90
CA GLU A 107 18.66 27.57 -4.84
C GLU A 107 19.09 26.82 -6.09
N ILE A 108 19.95 25.82 -5.93
CA ILE A 108 20.42 25.03 -7.07
C ILE A 108 19.60 23.77 -7.25
N ASN A 109 19.35 23.03 -6.16
CA ASN A 109 18.58 21.79 -6.19
C ASN A 109 17.71 21.72 -4.94
N GLY A 110 16.70 22.60 -4.87
CA GLY A 110 15.79 22.59 -3.76
C GLY A 110 16.36 23.07 -2.44
N ALA A 111 17.48 23.79 -2.47
CA ALA A 111 18.11 24.26 -1.25
C ALA A 111 19.08 25.40 -1.59
N ARG A 112 19.02 26.45 -0.79
CA ARG A 112 19.95 27.58 -0.93
C ARG A 112 21.18 27.29 -0.07
N ALA A 113 22.32 27.06 -0.73
CA ALA A 113 23.55 26.73 0.00
C ALA A 113 24.80 27.22 -0.73
N TRP A 114 24.70 28.36 -1.41
CA TRP A 114 25.84 28.88 -2.16
C TRP A 114 25.78 30.40 -2.19
N PHE A 115 26.93 31.00 -2.50
CA PHE A 115 27.06 32.45 -2.68
C PHE A 115 27.71 32.67 -4.05
N VAL A 116 26.91 33.07 -5.03
CA VAL A 116 27.38 33.29 -6.40
C VAL A 116 27.01 34.72 -6.78
N LEU A 117 27.99 35.61 -6.79
CA LEU A 117 27.80 36.99 -7.25
C LEU A 117 28.41 37.19 -8.63
N GLY A 118 28.10 36.27 -9.55
CA GLY A 118 28.66 36.30 -10.87
C GLY A 118 29.84 35.36 -11.00
N PRO A 119 31.05 35.92 -11.12
CA PRO A 119 32.25 35.09 -11.23
C PRO A 119 32.76 34.50 -9.91
N LEU A 120 31.99 34.63 -8.83
CA LEU A 120 32.38 34.09 -7.54
C LEU A 120 31.61 32.81 -7.23
N GLN A 121 32.25 31.91 -6.51
CA GLN A 121 31.65 30.62 -6.18
C GLN A 121 32.16 30.21 -4.80
N PHE A 122 31.26 30.15 -3.83
CA PHE A 122 31.62 29.85 -2.45
C PHE A 122 30.48 29.14 -1.75
N GLN A 123 30.82 28.27 -0.82
CA GLN A 123 29.83 27.54 -0.03
C GLN A 123 30.11 27.76 1.45
N PRO A 124 29.10 28.14 2.25
CA PRO A 124 29.35 28.35 3.68
C PRO A 124 29.50 27.06 4.48
N LEU A 125 29.26 25.90 3.88
CA LEU A 125 29.43 24.63 4.58
C LEU A 125 30.90 24.22 4.68
N GLU A 126 31.74 24.69 3.76
CA GLU A 126 33.17 24.37 3.83
C GLU A 126 33.83 25.06 5.01
N LEU A 127 33.54 26.35 5.21
CA LEU A 127 34.07 27.05 6.37
C LEU A 127 33.51 26.52 7.67
N ALA A 128 32.30 25.96 7.62
CA ALA A 128 31.72 25.37 8.83
C ALA A 128 32.49 24.13 9.27
N LYS A 129 32.84 23.26 8.31
CA LYS A 129 33.61 22.07 8.65
C LYS A 129 35.00 22.43 9.12
N LEU A 130 35.71 23.28 8.36
CA LEU A 130 37.05 23.69 8.75
C LEU A 130 37.06 24.58 9.98
N GLY A 131 35.94 25.24 10.28
CA GLY A 131 35.84 26.07 11.47
C GLY A 131 35.45 25.29 12.70
N LEU A 132 34.57 24.30 12.53
CA LEU A 132 34.17 23.48 13.67
C LEU A 132 35.26 22.51 14.09
N LEU A 133 36.14 22.12 13.17
CA LEU A 133 37.24 21.24 13.53
C LEU A 133 38.22 21.94 14.45
N LEU A 134 38.58 23.18 14.15
CA LEU A 134 39.47 23.93 15.03
C LEU A 134 38.79 24.28 16.34
N ALA A 135 37.54 24.76 16.27
CA ALA A 135 36.85 25.21 17.47
C ALA A 135 36.65 24.08 18.48
N LEU A 136 36.32 22.88 17.99
CA LEU A 136 36.14 21.75 18.88
C LEU A 136 37.44 21.09 19.27
N ALA A 137 38.56 21.47 18.66
CA ALA A 137 39.87 20.99 19.09
C ALA A 137 40.47 21.87 20.17
N LYS A 138 40.35 23.19 20.02
CA LYS A 138 40.82 24.10 21.05
C LYS A 138 39.99 23.96 22.34
N ALA A 139 38.68 23.79 22.19
CA ALA A 139 37.82 23.69 23.37
C ALA A 139 38.02 22.36 24.09
N LEU A 140 37.88 21.25 23.36
CA LEU A 140 38.03 19.92 23.98
C LEU A 140 39.45 19.60 24.40
N GLU A 141 40.41 20.52 24.27
CA GLU A 141 41.75 20.27 24.79
C GLU A 141 41.73 20.13 26.32
N GLY A 142 40.75 20.74 26.98
CA GLY A 142 40.58 20.60 28.40
C GLY A 142 39.88 19.30 28.76
N ARG A 143 39.45 19.22 30.02
CA ARG A 143 38.86 17.99 30.53
C ARG A 143 37.37 17.95 30.20
N PRO A 144 36.88 16.88 29.57
CA PRO A 144 35.44 16.71 29.42
C PRO A 144 34.83 15.94 30.58
N ILE A 145 33.79 16.50 31.18
CA ILE A 145 33.11 15.84 32.30
C ILE A 145 32.40 14.60 31.75
N ALA A 146 32.97 13.42 32.03
CA ALA A 146 32.51 12.20 31.36
C ALA A 146 31.11 11.78 31.78
N ARG A 147 30.70 12.12 33.01
CA ARG A 147 29.45 11.59 33.54
C ARG A 147 28.25 12.05 32.72
N VAL A 148 28.08 13.37 32.57
CA VAL A 148 26.89 13.91 31.93
C VAL A 148 27.26 14.94 30.87
N TRP A 149 28.21 15.81 31.19
CA TRP A 149 28.54 16.93 30.31
C TRP A 149 29.63 16.61 29.30
N ASP A 150 29.93 15.33 29.09
CA ASP A 150 30.80 14.95 27.97
C ASP A 150 30.13 15.32 26.65
N TYR A 151 28.85 15.02 26.51
CA TYR A 151 28.07 15.34 25.32
C TYR A 151 27.29 16.64 25.49
N ALA A 152 27.92 17.66 26.07
CA ALA A 152 27.28 18.96 26.28
C ALA A 152 27.95 20.05 25.46
N LEU A 153 29.23 20.31 25.68
CA LEU A 153 29.93 21.33 24.90
C LEU A 153 30.01 20.99 23.41
N PRO A 154 30.43 19.78 23.01
CA PRO A 154 30.38 19.47 21.57
C PRO A 154 28.97 19.46 21.01
N ALA A 155 27.98 19.06 21.80
CA ALA A 155 26.59 19.13 21.35
C ALA A 155 26.14 20.57 21.21
N LEU A 156 26.56 21.45 22.12
CA LEU A 156 26.21 22.86 22.02
C LEU A 156 26.91 23.56 20.86
N LEU A 157 28.04 23.02 20.40
CA LEU A 157 28.77 23.61 19.29
C LEU A 157 28.43 22.96 17.96
N THR A 158 27.68 21.86 17.95
CA THR A 158 27.33 21.14 16.72
C THR A 158 25.92 21.43 16.24
N LEU A 159 24.95 21.48 17.17
CA LEU A 159 23.56 21.70 16.76
C LEU A 159 23.34 23.03 16.05
N PRO A 160 23.98 24.15 16.43
CA PRO A 160 23.83 25.37 15.60
C PRO A 160 24.34 25.20 14.18
N VAL A 161 25.33 24.35 13.95
CA VAL A 161 25.83 24.12 12.60
C VAL A 161 24.84 23.28 11.80
N VAL A 162 24.51 22.09 12.31
CA VAL A 162 23.61 21.19 11.61
C VAL A 162 22.22 21.82 11.48
N GLY A 163 21.80 22.57 12.51
CA GLY A 163 20.49 23.20 12.46
C GLY A 163 20.37 24.19 11.31
N LEU A 164 21.41 24.97 11.06
CA LEU A 164 21.43 25.88 9.93
C LEU A 164 21.71 25.18 8.61
N LEU A 165 21.98 23.88 8.63
CA LEU A 165 22.10 23.07 7.42
C LEU A 165 20.83 22.33 7.08
N LEU A 166 20.09 21.85 8.09
CA LEU A 166 18.82 21.17 7.84
C LEU A 166 17.75 22.15 7.37
N LEU A 167 17.92 23.45 7.61
CA LEU A 167 17.00 24.46 7.12
C LEU A 167 17.34 24.92 5.71
N GLN A 168 18.21 24.20 5.01
CA GLN A 168 18.54 24.52 3.63
C GLN A 168 17.59 23.81 2.67
N PRO A 169 17.39 22.48 2.75
CA PRO A 169 17.98 21.44 3.62
C PRO A 169 19.19 20.77 2.99
N ASP A 170 20.10 20.27 3.83
CA ASP A 170 21.31 19.58 3.36
C ASP A 170 21.54 18.39 4.29
N LEU A 171 21.12 17.20 3.85
CA LEU A 171 21.31 16.00 4.65
C LEU A 171 22.70 15.41 4.46
N GLY A 172 23.25 15.49 3.26
CA GLY A 172 24.60 14.97 3.03
C GLY A 172 25.65 15.74 3.80
N GLY A 173 25.58 17.07 3.76
CA GLY A 173 26.53 17.88 4.48
C GLY A 173 26.40 17.76 5.99
N ALA A 174 25.18 17.55 6.49
CA ALA A 174 24.98 17.39 7.92
C ALA A 174 25.56 16.07 8.42
N LEU A 175 25.57 15.03 7.59
CA LEU A 175 26.13 13.75 8.00
C LEU A 175 27.65 13.80 8.10
N VAL A 176 28.30 14.59 7.24
CA VAL A 176 29.74 14.76 7.35
C VAL A 176 30.08 15.52 8.63
N VAL A 177 29.27 16.52 8.99
CA VAL A 177 29.50 17.27 10.22
C VAL A 177 29.33 16.37 11.43
N LEU A 178 28.22 15.63 11.48
CA LEU A 178 27.95 14.77 12.64
C LEU A 178 28.96 13.65 12.75
N PHE A 179 29.51 13.18 11.61
CA PHE A 179 30.54 12.16 11.67
C PHE A 179 31.87 12.73 12.12
N GLY A 180 32.19 13.96 11.71
CA GLY A 180 33.43 14.58 12.14
C GLY A 180 33.44 14.89 13.62
N VAL A 181 32.32 15.41 14.15
CA VAL A 181 32.23 15.67 15.58
C VAL A 181 32.35 14.37 16.36
N PHE A 182 31.77 13.29 15.83
CA PHE A 182 31.90 11.99 16.48
C PHE A 182 33.36 11.56 16.57
N VAL A 183 34.13 11.78 15.49
CA VAL A 183 35.53 11.37 15.48
C VAL A 183 36.32 12.12 16.55
N VAL A 184 36.06 13.42 16.70
CA VAL A 184 36.76 14.20 17.71
C VAL A 184 36.43 13.68 19.10
N VAL A 185 35.15 13.42 19.37
CA VAL A 185 34.77 12.88 20.66
C VAL A 185 35.28 11.45 20.83
N PHE A 186 35.36 10.69 19.74
CA PHE A 186 35.86 9.32 19.82
C PHE A 186 37.35 9.27 20.15
N VAL A 187 38.07 10.37 19.99
CA VAL A 187 39.49 10.40 20.32
C VAL A 187 39.72 10.88 21.76
N ARG A 188 38.98 11.89 22.19
CA ARG A 188 39.15 12.44 23.54
C ARG A 188 38.18 11.80 24.54
N GLY A 189 36.87 11.90 24.27
CA GLY A 189 35.88 11.42 25.20
C GLY A 189 35.90 9.92 25.43
N LEU A 190 35.66 9.15 24.36
CA LEU A 190 35.58 7.70 24.43
C LEU A 190 34.62 7.21 25.52
N PRO A 191 33.32 7.58 25.46
CA PRO A 191 32.32 7.05 26.40
C PRO A 191 31.71 5.75 25.90
N TRP A 192 32.57 4.78 25.55
CA TRP A 192 32.16 3.61 24.77
C TRP A 192 30.91 2.94 25.33
N ARG A 193 30.90 2.66 26.62
CA ARG A 193 29.74 1.99 27.23
C ARG A 193 28.51 2.88 27.17
N HIS A 194 28.66 4.17 27.51
CA HIS A 194 27.53 5.09 27.52
C HIS A 194 27.19 5.61 26.11
N LEU A 195 28.16 5.61 25.19
CA LEU A 195 27.92 6.16 23.86
C LEU A 195 27.08 5.22 23.00
N LEU A 196 27.44 3.93 22.97
CA LEU A 196 26.70 2.99 22.14
C LEU A 196 25.26 2.83 22.61
N VAL A 197 25.05 2.73 23.93
CA VAL A 197 23.70 2.64 24.46
C VAL A 197 22.92 3.92 24.16
N GLY A 198 23.61 5.07 24.13
CA GLY A 198 22.94 6.30 23.78
C GLY A 198 22.48 6.34 22.34
N LEU A 199 23.30 5.81 21.43
CA LEU A 199 22.92 5.78 20.01
C LEU A 199 21.77 4.81 19.77
N PHE A 200 21.82 3.63 20.40
CA PHE A 200 20.75 2.66 20.22
C PHE A 200 19.40 3.23 20.67
N ALA A 201 19.40 4.03 21.74
CA ALA A 201 18.16 4.65 22.19
C ALA A 201 17.74 5.77 21.24
N LEU A 202 18.67 6.63 20.84
CA LEU A 202 18.35 7.72 19.94
C LEU A 202 17.94 7.22 18.56
N ALA A 203 18.47 6.09 18.13
CA ALA A 203 18.12 5.53 16.83
C ALA A 203 16.79 4.80 16.84
N LEU A 204 16.16 4.63 18.00
CA LEU A 204 14.85 3.99 18.09
C LEU A 204 13.74 4.95 18.48
N LEU A 205 14.05 6.05 19.16
CA LEU A 205 13.01 6.99 19.58
C LEU A 205 12.67 7.98 18.48
N VAL A 206 13.66 8.43 17.72
CA VAL A 206 13.46 9.43 16.68
C VAL A 206 12.68 8.82 15.51
N PRO A 207 13.04 7.62 15.00
CA PRO A 207 12.17 7.02 13.97
C PRO A 207 10.78 6.71 14.47
N THR A 208 10.61 6.35 15.74
CA THR A 208 9.28 6.11 16.29
C THR A 208 8.47 7.39 16.39
N ALA A 209 9.11 8.55 16.28
CA ALA A 209 8.42 9.83 16.30
C ALA A 209 8.23 10.44 14.91
N VAL A 210 9.18 10.21 14.00
CA VAL A 210 9.07 10.80 12.67
C VAL A 210 8.16 9.97 11.77
N TRP A 211 8.26 8.64 11.87
CA TRP A 211 7.45 7.77 11.01
C TRP A 211 5.94 8.00 11.17
N PRO A 212 5.38 8.13 12.37
CA PRO A 212 3.93 8.42 12.45
C PRO A 212 3.58 9.78 11.89
N ASN A 213 4.42 10.79 12.11
CA ASN A 213 4.18 12.13 11.59
C ASN A 213 4.66 12.30 10.16
N LEU A 214 5.23 11.26 9.55
CA LEU A 214 5.70 11.35 8.18
C LEU A 214 4.53 11.23 7.21
N LYS A 215 4.54 12.04 6.17
CA LYS A 215 3.50 12.02 5.16
C LYS A 215 3.67 10.82 4.24
N PRO A 216 2.59 10.37 3.58
CA PRO A 216 2.76 9.30 2.59
C PRO A 216 3.68 9.68 1.45
N TYR A 217 3.72 10.96 1.10
CA TYR A 217 4.71 11.44 0.14
C TYR A 217 6.12 11.32 0.69
N GLN A 218 6.28 11.49 2.00
CA GLN A 218 7.59 11.40 2.65
C GLN A 218 7.91 9.97 3.09
N ARG A 219 6.92 9.23 3.56
CA ARG A 219 7.15 7.84 3.97
C ARG A 219 7.65 7.01 2.79
N GLU A 220 6.98 7.11 1.64
CA GLU A 220 7.45 6.40 0.46
C GLU A 220 8.80 6.93 0.00
N ARG A 221 9.05 8.23 0.16
CA ARG A 221 10.34 8.80 -0.22
C ARG A 221 11.48 8.15 0.55
N VAL A 222 11.31 8.02 1.88
CA VAL A 222 12.36 7.42 2.70
C VAL A 222 12.49 5.93 2.40
N LEU A 223 11.36 5.25 2.21
CA LEU A 223 11.41 3.82 1.86
C LEU A 223 12.11 3.60 0.52
N ILE A 224 11.97 4.55 -0.41
CA ILE A 224 12.67 4.45 -1.68
C ILE A 224 14.16 4.70 -1.49
N VAL A 225 14.54 5.49 -0.48
CA VAL A 225 15.96 5.73 -0.22
C VAL A 225 16.63 4.45 0.28
N LEU A 226 15.98 3.74 1.19
CA LEU A 226 16.56 2.49 1.71
C LEU A 226 16.63 1.43 0.62
N ASP A 227 15.51 1.18 -0.05
CA ASP A 227 15.47 0.21 -1.14
C ASP A 227 15.42 0.95 -2.46
N PRO A 228 16.47 0.88 -3.29
CA PRO A 228 16.51 1.70 -4.51
C PRO A 228 15.69 1.16 -5.67
N TYR A 229 14.83 0.16 -5.46
CA TYR A 229 14.07 -0.44 -6.55
C TYR A 229 12.74 0.31 -6.70
N ARG A 230 12.84 1.50 -7.27
CA ARG A 230 11.68 2.29 -7.70
C ARG A 230 12.18 3.19 -8.82
N ASP A 231 11.85 2.82 -10.06
CA ASP A 231 12.49 3.44 -11.22
C ASP A 231 12.25 4.95 -11.34
N PRO A 232 10.99 5.46 -11.33
CA PRO A 232 10.77 6.87 -11.70
C PRO A 232 11.67 7.89 -11.02
N LEU A 233 12.25 7.52 -9.88
CA LEU A 233 13.24 8.35 -9.21
C LEU A 233 14.61 7.69 -9.09
N GLY A 234 14.65 6.39 -8.85
CA GLY A 234 15.90 5.66 -8.70
C GLY A 234 16.36 4.89 -9.91
N GLN A 235 15.82 5.16 -11.10
CA GLN A 235 16.23 4.43 -12.28
C GLN A 235 17.70 4.70 -12.61
N GLY A 236 18.08 5.97 -12.67
CA GLY A 236 19.46 6.32 -12.96
C GLY A 236 20.42 5.79 -11.91
N PHE A 237 20.01 5.85 -10.64
CA PHE A 237 20.85 5.33 -9.57
C PHE A 237 20.93 3.81 -9.61
N GLN A 238 19.85 3.15 -10.00
CA GLN A 238 19.90 1.71 -10.23
C GLN A 238 20.72 1.37 -11.47
N VAL A 239 20.67 2.24 -12.48
CA VAL A 239 21.49 2.03 -13.68
C VAL A 239 22.97 2.15 -13.35
N ILE A 240 23.32 2.93 -12.32
CA ILE A 240 24.72 3.07 -11.92
C ILE A 240 25.30 1.71 -11.55
N GLN A 241 24.56 0.93 -10.74
CA GLN A 241 25.03 -0.40 -10.37
C GLN A 241 25.28 -1.26 -11.60
N SER A 242 24.43 -1.13 -12.62
CA SER A 242 24.66 -1.84 -13.88
C SER A 242 25.73 -1.17 -14.72
N THR A 243 25.83 0.16 -14.65
CA THR A 243 26.83 0.87 -15.45
C THR A 243 28.24 0.55 -15.00
N ILE A 244 28.45 0.46 -13.69
CA ILE A 244 29.79 0.19 -13.17
C ILE A 244 30.26 -1.18 -13.63
N ALA A 245 29.41 -2.19 -13.50
CA ALA A 245 29.74 -3.57 -13.85
C ALA A 245 29.83 -3.80 -15.36
N ILE A 246 29.89 -2.77 -16.20
CA ILE A 246 29.97 -2.98 -17.64
C ILE A 246 31.31 -3.64 -18.00
N GLY A 247 32.41 -3.00 -17.64
CA GLY A 247 33.73 -3.48 -17.98
C GLY A 247 34.43 -4.12 -16.80
N SER A 248 35.13 -5.22 -17.05
CA SER A 248 35.87 -5.94 -16.04
C SER A 248 37.25 -6.30 -16.57
N GLY A 249 38.27 -6.16 -15.72
CA GLY A 249 39.63 -6.44 -16.14
C GLY A 249 40.18 -5.48 -17.16
N GLY A 250 39.63 -4.27 -17.25
CA GLY A 250 40.09 -3.28 -18.21
C GLY A 250 38.97 -2.44 -18.81
N ILE A 267 22.62 6.02 -19.80
CA ILE A 267 23.33 7.27 -19.55
C ILE A 267 23.35 7.58 -18.05
N PRO A 268 24.53 7.83 -17.51
CA PRO A 268 24.62 8.19 -16.08
C PRO A 268 23.96 9.53 -15.82
N PHE A 269 23.38 9.65 -14.62
CA PHE A 269 22.60 10.83 -14.29
C PHE A 269 23.45 12.09 -14.30
N ARG A 270 24.60 12.05 -13.63
CA ARG A 270 25.43 13.24 -13.49
C ARG A 270 26.90 12.88 -13.59
N HIS A 271 27.71 13.90 -13.82
CA HIS A 271 29.16 13.81 -13.79
C HIS A 271 29.75 14.22 -12.46
N THR A 272 28.97 14.85 -11.58
CA THR A 272 29.46 15.31 -10.28
C THR A 272 29.25 14.23 -9.22
N ASP A 273 27.99 13.94 -8.90
CA ASP A 273 27.67 12.96 -7.87
C ASP A 273 28.04 11.53 -8.28
N PHE A 274 28.59 11.32 -9.47
CA PHE A 274 28.88 9.98 -9.96
C PHE A 274 30.11 9.99 -10.85
N VAL A 275 31.22 10.56 -10.36
CA VAL A 275 32.47 10.51 -11.11
C VAL A 275 32.99 9.08 -11.17
N PHE A 276 32.84 8.35 -10.06
CA PHE A 276 33.42 7.01 -9.96
C PHE A 276 32.76 6.04 -10.93
N SER A 277 31.44 6.16 -11.10
CA SER A 277 30.74 5.25 -12.01
C SER A 277 31.25 5.41 -13.44
N VAL A 278 31.47 6.65 -13.88
CA VAL A 278 32.08 6.89 -15.18
C VAL A 278 33.46 6.25 -15.24
N TRP A 279 34.24 6.40 -14.16
CA TRP A 279 35.60 5.90 -14.14
C TRP A 279 35.64 4.38 -13.97
N ALA A 280 34.81 3.83 -13.08
CA ALA A 280 34.82 2.39 -12.85
C ALA A 280 34.38 1.62 -14.09
N GLU A 281 33.42 2.16 -14.84
CA GLU A 281 32.93 1.47 -16.03
C GLU A 281 33.99 1.41 -17.12
N GLU A 282 34.69 2.53 -17.36
CA GLU A 282 35.63 2.57 -18.46
C GLU A 282 36.92 1.81 -18.15
N TRP A 283 37.27 1.66 -16.87
CA TRP A 283 38.57 1.12 -16.49
C TRP A 283 38.51 -0.30 -15.94
N GLY A 284 37.34 -0.94 -15.97
CA GLY A 284 37.21 -2.30 -15.47
C GLY A 284 37.51 -2.41 -13.98
N PHE A 285 37.76 -3.65 -13.56
CA PHE A 285 37.95 -3.90 -12.13
C PHE A 285 39.40 -3.71 -11.71
N VAL A 286 40.36 -4.04 -12.58
CA VAL A 286 41.76 -3.91 -12.24
C VAL A 286 42.14 -2.46 -11.99
N GLY A 287 41.35 -1.53 -12.50
CA GLY A 287 41.56 -0.13 -12.18
C GLY A 287 40.93 0.24 -10.85
N VAL A 288 39.73 -0.29 -10.60
CA VAL A 288 38.97 0.05 -9.40
C VAL A 288 39.82 -0.10 -8.14
N VAL A 289 40.65 -1.15 -8.11
CA VAL A 289 41.51 -1.34 -6.95
C VAL A 289 42.59 -0.27 -6.87
N GLY A 290 43.04 0.24 -8.02
CA GLY A 290 44.05 1.29 -8.01
C GLY A 290 43.52 2.58 -7.41
N LEU A 291 42.27 2.94 -7.74
CA LEU A 291 41.66 4.10 -7.12
C LEU A 291 41.40 3.86 -5.65
N LEU A 292 40.76 2.73 -5.32
CA LEU A 292 40.56 2.38 -3.92
C LEU A 292 41.89 2.24 -3.18
N GLY A 293 42.96 1.92 -3.91
CA GLY A 293 44.27 1.85 -3.27
C GLY A 293 44.79 3.22 -2.87
N LEU A 294 44.77 4.18 -3.80
CA LEU A 294 45.24 5.52 -3.50
C LEU A 294 44.42 6.15 -2.39
N TYR A 295 43.09 6.02 -2.46
CA TYR A 295 42.24 6.55 -1.39
C TYR A 295 42.49 5.82 -0.08
N GLY A 296 42.79 4.52 -0.15
CA GLY A 296 43.17 3.80 1.05
C GLY A 296 44.49 4.30 1.62
N LEU A 297 45.47 4.55 0.74
CA LEU A 297 46.75 5.08 1.20
C LEU A 297 46.63 6.54 1.62
N LEU A 298 45.70 7.29 1.02
CA LEU A 298 45.50 8.68 1.41
C LEU A 298 45.00 8.79 2.84
N LEU A 299 43.92 8.07 3.16
CA LEU A 299 43.38 8.06 4.51
C LEU A 299 44.35 7.42 5.50
N ALA A 300 45.34 6.68 5.02
CA ALA A 300 46.34 6.07 5.91
C ALA A 300 47.35 7.10 6.38
N ARG A 301 47.94 7.86 5.44
CA ARG A 301 48.91 8.87 5.82
C ARG A 301 48.25 10.02 6.58
N LEU A 302 46.98 10.32 6.28
CA LEU A 302 46.25 11.30 7.09
C LEU A 302 46.20 10.86 8.54
N PHE A 303 45.86 9.59 8.78
CA PHE A 303 45.87 9.07 10.15
C PHE A 303 47.29 8.86 10.66
N ALA A 304 48.23 8.56 9.77
CA ALA A 304 49.61 8.35 10.21
C ALA A 304 50.23 9.64 10.72
N LEU A 305 50.16 10.72 9.92
CA LEU A 305 50.67 12.00 10.37
C LEU A 305 49.88 12.52 11.57
N ALA A 306 48.59 12.15 11.67
CA ALA A 306 47.81 12.51 12.84
C ALA A 306 48.39 11.93 14.12
N LEU A 307 49.08 10.80 14.02
CA LEU A 307 49.72 10.21 15.19
C LEU A 307 51.05 10.86 15.51
N ALA A 308 51.76 11.36 14.49
CA ALA A 308 53.06 11.98 14.73
C ALA A 308 52.95 13.28 15.53
N CYS A 309 51.80 13.92 15.54
CA CYS A 309 51.62 15.15 16.29
C CYS A 309 51.44 14.85 17.77
N PRO A 310 52.18 15.52 18.66
CA PRO A 310 52.08 15.21 20.09
C PRO A 310 50.96 15.95 20.80
N ARG A 311 50.62 17.14 20.32
CA ARG A 311 49.60 17.94 21.00
C ARG A 311 48.21 17.37 20.76
N LEU A 312 47.35 17.53 21.77
CA LEU A 312 46.01 16.94 21.73
C LEU A 312 45.16 17.59 20.64
N SER A 313 45.18 18.91 20.56
CA SER A 313 44.36 19.61 19.56
C SER A 313 44.82 19.27 18.15
N ASP A 314 46.08 18.91 17.96
CA ASP A 314 46.53 18.42 16.66
C ASP A 314 46.00 17.03 16.39
N ARG A 315 45.91 16.19 17.43
CA ARG A 315 45.30 14.88 17.28
C ARG A 315 43.82 15.01 16.89
N LEU A 316 43.10 15.91 17.56
CA LEU A 316 41.68 16.09 17.26
C LEU A 316 41.48 16.67 15.87
N PHE A 317 42.22 17.72 15.52
CA PHE A 317 42.01 18.39 14.24
C PHE A 317 42.33 17.48 13.07
N LEU A 318 43.42 16.71 13.17
CA LEU A 318 43.81 15.83 12.06
C LEU A 318 42.98 14.56 12.01
N SER A 319 42.36 14.16 13.11
CA SER A 319 41.44 13.02 13.06
C SER A 319 40.10 13.42 12.50
N GLY A 320 39.58 14.58 12.92
CA GLY A 320 38.32 15.06 12.40
C GLY A 320 38.37 15.39 10.93
N PHE A 321 39.54 15.78 10.42
CA PHE A 321 39.68 16.05 8.99
C PHE A 321 39.72 14.74 8.20
N ALA A 322 40.57 13.80 8.62
CA ALA A 322 40.64 12.52 7.93
C ALA A 322 39.32 11.75 8.06
N GLY A 323 38.59 11.95 9.16
CA GLY A 323 37.28 11.35 9.26
C GLY A 323 36.26 12.01 8.35
N MET A 324 36.28 13.35 8.29
CA MET A 324 35.35 14.07 7.42
C MET A 324 35.64 13.79 5.95
N LEU A 325 36.90 13.56 5.60
CA LEU A 325 37.24 13.30 4.20
C LEU A 325 36.94 11.84 3.83
N GLY A 326 37.30 10.91 4.71
CA GLY A 326 37.03 9.51 4.42
C GLY A 326 35.56 9.18 4.40
N PHE A 327 34.78 9.84 5.26
CA PHE A 327 33.34 9.59 5.30
C PHE A 327 32.69 9.93 3.97
N GLN A 328 33.18 10.97 3.30
CA GLN A 328 32.64 11.31 1.98
C GLN A 328 32.98 10.23 0.95
N VAL A 329 34.19 9.67 1.03
CA VAL A 329 34.61 8.68 0.03
C VAL A 329 33.79 7.40 0.17
N VAL A 330 33.73 6.85 1.38
CA VAL A 330 33.01 5.59 1.58
C VAL A 330 31.53 5.76 1.32
N VAL A 331 31.00 6.97 1.49
CA VAL A 331 29.59 7.22 1.20
C VAL A 331 29.39 7.41 -0.31
N ASN A 332 30.25 8.19 -0.95
CA ASN A 332 30.12 8.41 -2.39
C ASN A 332 30.26 7.12 -3.17
N LEU A 333 31.31 6.34 -2.87
CA LEU A 333 31.49 5.06 -3.54
C LEU A 333 30.48 4.02 -3.09
N GLY A 334 29.91 4.17 -1.90
CA GLY A 334 28.85 3.27 -1.48
C GLY A 334 27.56 3.50 -2.25
N VAL A 335 27.25 4.76 -2.53
CA VAL A 335 26.08 5.08 -3.36
C VAL A 335 26.30 4.55 -4.77
N ALA A 336 27.49 4.74 -5.33
CA ALA A 336 27.77 4.27 -6.67
C ALA A 336 27.70 2.75 -6.77
N LEU A 337 28.21 2.06 -5.75
CA LEU A 337 28.22 0.61 -5.73
C LEU A 337 26.92 0.00 -5.20
N GLY A 338 25.87 0.82 -5.04
CA GLY A 338 24.58 0.30 -4.63
C GLY A 338 24.53 -0.24 -3.21
N VAL A 339 25.27 0.37 -2.29
CA VAL A 339 25.29 -0.04 -0.89
C VAL A 339 24.82 1.08 0.04
N MET A 340 25.39 2.27 -0.12
CA MET A 340 24.98 3.38 0.74
C MET A 340 23.82 4.14 0.11
N PRO A 341 22.86 4.60 0.92
CA PRO A 341 21.74 5.36 0.37
C PRO A 341 22.21 6.69 -0.23
N VAL A 342 21.47 7.14 -1.25
CA VAL A 342 21.86 8.35 -1.97
C VAL A 342 21.79 9.55 -1.03
N THR A 343 22.90 10.29 -0.95
CA THR A 343 22.99 11.46 -0.09
C THR A 343 23.29 12.75 -0.82
N GLY A 344 23.87 12.70 -2.02
CA GLY A 344 24.17 13.90 -2.76
C GLY A 344 25.51 14.50 -2.38
N LEU A 345 26.54 13.67 -2.29
CA LEU A 345 27.89 14.13 -1.95
C LEU A 345 28.86 13.62 -3.00
N THR A 346 29.65 14.53 -3.55
CA THR A 346 30.60 14.19 -4.59
C THR A 346 31.80 13.44 -4.01
N LEU A 347 32.65 12.95 -4.91
CA LEU A 347 33.87 12.26 -4.51
C LEU A 347 35.05 13.20 -4.63
N PRO A 348 35.80 13.44 -3.55
CA PRO A 348 36.94 14.35 -3.64
C PRO A 348 37.80 13.94 -4.82
N LEU A 349 38.82 14.76 -5.10
CA LEU A 349 39.90 14.49 -6.04
C LEU A 349 39.41 13.87 -7.35
N PHE A 350 38.10 13.84 -7.60
CA PHE A 350 37.57 13.28 -8.84
C PHE A 350 36.43 14.15 -9.31
N SER A 351 35.73 14.75 -8.36
CA SER A 351 34.55 15.52 -8.71
C SER A 351 34.93 16.83 -9.37
N TYR A 352 34.00 17.37 -10.14
CA TYR A 352 34.14 18.69 -10.75
C TYR A 352 33.62 19.72 -9.76
N GLY A 353 34.53 20.50 -9.19
CA GLY A 353 34.15 21.46 -8.17
C GLY A 353 34.78 22.84 -8.35
N GLY A 354 33.94 23.86 -8.44
CA GLY A 354 34.45 25.22 -8.53
C GLY A 354 35.11 25.68 -7.25
N SER A 355 34.45 25.42 -6.11
CA SER A 355 35.00 25.72 -4.80
C SER A 355 35.28 24.47 -3.98
N SER A 356 34.73 23.31 -4.36
CA SER A 356 34.94 22.10 -3.60
C SER A 356 36.39 21.62 -3.71
N LEU A 357 36.97 21.71 -4.90
CA LEU A 357 38.38 21.33 -5.05
C LEU A 357 39.29 22.29 -4.29
N ILE A 358 39.01 23.59 -4.37
CA ILE A 358 39.81 24.58 -3.64
C ILE A 358 39.68 24.36 -2.14
N ALA A 359 38.46 24.09 -1.67
CA ALA A 359 38.25 23.90 -0.23
C ALA A 359 38.93 22.65 0.28
N THR A 360 38.93 21.57 -0.51
CA THR A 360 39.60 20.34 -0.10
C THR A 360 41.12 20.52 -0.13
N LEU A 361 41.64 21.26 -1.11
CA LEU A 361 43.06 21.55 -1.12
C LEU A 361 43.44 22.52 -0.01
N ALA A 362 42.60 23.52 0.24
CA ALA A 362 42.84 24.41 1.37
C ALA A 362 42.75 23.66 2.70
N GLY A 363 42.01 22.55 2.73
CA GLY A 363 41.96 21.70 3.90
C GLY A 363 43.21 20.86 4.04
N LEU A 364 43.74 20.39 2.90
CA LEU A 364 44.98 19.62 2.93
C LEU A 364 46.17 20.50 3.29
N GLY A 365 46.13 21.77 2.89
CA GLY A 365 47.20 22.68 3.28
C GLY A 365 47.29 22.89 4.78
N LEU A 366 46.13 23.04 5.43
CA LEU A 366 46.11 23.15 6.88
C LEU A 366 46.59 21.88 7.56
N VAL A 367 46.49 20.74 6.89
CA VAL A 367 47.04 19.50 7.44
C VAL A 367 48.56 19.53 7.40
N LEU A 368 49.12 19.95 6.27
CA LEU A 368 50.58 20.09 6.18
C LEU A 368 51.09 21.23 7.04
N LEU A 369 50.24 22.21 7.38
CA LEU A 369 50.66 23.28 8.27
C LEU A 369 50.87 22.76 9.68
N VAL A 370 49.84 22.13 10.25
CA VAL A 370 49.93 21.64 11.62
C VAL A 370 50.91 20.50 11.78
N HIS A 371 51.36 19.89 10.68
CA HIS A 371 52.34 18.81 10.80
C HIS A 371 53.75 19.36 10.96
N ARG A 372 54.14 20.34 10.14
CA ARG A 372 55.45 20.96 10.31
C ARG A 372 55.53 21.77 11.60
N ASP A 373 54.39 22.17 12.17
CA ASP A 373 54.34 22.89 13.43
C ASP A 373 54.01 21.97 14.61
N ARG A 374 54.29 20.67 14.48
CA ARG A 374 53.91 19.75 15.54
C ARG A 374 54.85 19.85 16.73
N TYR A 375 56.09 20.27 16.51
CA TYR A 375 57.07 20.38 17.60
C TYR A 375 57.04 21.76 18.24
N GLN A 376 57.30 22.80 17.43
CA GLN A 376 57.37 24.15 17.97
C GLN A 376 56.01 24.58 18.51
N ASP A 377 56.05 25.53 19.45
CA ASP A 377 54.84 26.04 20.08
C ASP A 377 54.33 27.27 19.33
N GLY B 2 45.24 7.09 24.22
CA GLY B 2 45.20 8.33 23.46
C GLY B 2 45.47 8.15 21.99
N THR B 3 45.99 6.96 21.63
CA THR B 3 46.30 6.65 20.24
C THR B 3 45.58 5.42 19.71
N GLY B 4 45.14 4.51 20.59
CA GLY B 4 44.51 3.28 20.11
C GLY B 4 43.22 3.53 19.35
N ARG B 5 42.49 4.59 19.72
CA ARG B 5 41.26 4.91 19.01
C ARG B 5 41.52 5.33 17.57
N ILE B 6 42.70 5.87 17.29
CA ILE B 6 43.02 6.26 15.92
C ILE B 6 43.36 5.04 15.07
N HIS B 7 43.97 4.01 15.65
CA HIS B 7 44.20 2.78 14.92
C HIS B 7 42.89 2.13 14.48
N ALA B 8 41.84 2.27 15.29
CA ALA B 8 40.55 1.67 14.94
C ALA B 8 39.93 2.36 13.74
N LEU B 9 39.94 3.69 13.72
CA LEU B 9 39.44 4.42 12.55
C LEU B 9 40.26 4.09 11.31
N ALA B 10 41.57 3.98 11.46
CA ALA B 10 42.40 3.56 10.33
C ALA B 10 42.06 2.14 9.89
N LEU B 11 41.68 1.28 10.83
CA LEU B 11 41.24 -0.06 10.48
C LEU B 11 39.82 -0.05 9.93
N PHE B 12 38.95 0.80 10.48
CA PHE B 12 37.57 0.89 10.00
C PHE B 12 37.54 1.32 8.54
N PHE B 13 38.18 2.44 8.23
CA PHE B 13 38.22 2.93 6.84
C PHE B 13 38.98 1.97 5.92
N ALA B 14 39.81 1.09 6.48
CA ALA B 14 40.48 0.09 5.66
C ALA B 14 39.51 -1.02 5.25
N LEU B 15 38.75 -1.55 6.21
CA LEU B 15 37.78 -2.60 5.90
C LEU B 15 36.60 -2.04 5.12
N ALA B 16 36.26 -0.77 5.33
CA ALA B 16 35.19 -0.14 4.55
C ALA B 16 35.56 -0.08 3.08
N LEU B 17 36.77 0.36 2.77
CA LEU B 17 37.23 0.36 1.39
C LEU B 17 37.49 -1.05 0.87
N PHE B 18 37.68 -2.03 1.76
CA PHE B 18 37.76 -3.42 1.32
C PHE B 18 36.38 -3.96 0.97
N LEU B 19 35.38 -3.66 1.77
CA LEU B 19 34.01 -4.06 1.44
C LEU B 19 33.55 -3.43 0.14
N LEU B 20 33.86 -2.14 -0.05
CA LEU B 20 33.59 -1.50 -1.33
C LEU B 20 34.36 -2.20 -2.45
N GLY B 21 35.61 -2.57 -2.18
CA GLY B 21 36.36 -3.37 -3.15
C GLY B 21 35.78 -4.75 -3.34
N LEU B 22 35.13 -5.30 -2.31
CA LEU B 22 34.49 -6.59 -2.44
C LEU B 22 33.16 -6.49 -3.18
N ARG B 23 32.36 -5.47 -2.87
CA ARG B 23 31.11 -5.26 -3.59
C ARG B 23 31.37 -4.99 -5.06
N ALA B 24 32.43 -4.22 -5.36
CA ALA B 24 32.80 -3.98 -6.75
C ALA B 24 33.17 -5.28 -7.45
N TRP B 25 34.03 -6.09 -6.82
CA TRP B 25 34.41 -7.38 -7.40
C TRP B 25 33.20 -8.26 -7.65
N GLN B 26 32.18 -8.17 -6.79
CA GLN B 26 30.96 -8.93 -7.01
C GLN B 26 30.32 -8.57 -8.35
N LEU B 27 30.11 -7.27 -8.59
CA LEU B 27 29.50 -6.83 -9.83
C LEU B 27 30.42 -7.03 -11.03
N GLN B 28 31.74 -6.92 -10.82
CA GLN B 28 32.66 -6.95 -11.95
C GLN B 28 32.97 -8.38 -12.40
N VAL B 29 33.12 -9.30 -11.47
CA VAL B 29 33.58 -10.66 -11.77
C VAL B 29 32.44 -11.67 -11.66
N LEU B 30 31.74 -11.70 -10.54
CA LEU B 30 30.65 -12.67 -10.37
C LEU B 30 29.47 -12.36 -11.27
N GLU B 31 29.33 -11.13 -11.76
CA GLU B 31 28.16 -10.73 -12.52
C GLU B 31 28.49 -10.24 -13.92
N TYR B 32 29.71 -10.47 -14.42
CA TYR B 32 30.03 -9.97 -15.75
C TYR B 32 29.18 -10.66 -16.81
N GLU B 33 28.86 -11.93 -16.63
CA GLU B 33 27.94 -12.61 -17.53
C GLU B 33 26.58 -11.93 -17.52
N ARG B 34 26.23 -11.29 -16.42
CA ARG B 34 24.99 -10.51 -16.31
C ARG B 34 25.07 -9.18 -17.03
N TYR B 35 26.26 -8.73 -17.43
CA TYR B 35 26.45 -7.47 -18.13
C TYR B 35 27.39 -7.66 -19.32
N ALA B 36 27.11 -8.66 -20.15
CA ALA B 36 27.86 -8.86 -21.37
C ALA B 36 27.30 -7.98 -22.49
N LEU B 37 28.21 -7.54 -23.38
CA LEU B 37 27.84 -6.57 -24.41
C LEU B 37 28.11 -7.07 -25.83
N ARG B 38 28.40 -8.36 -26.01
CA ARG B 38 28.56 -8.96 -27.34
C ARG B 38 29.68 -8.29 -28.15
N SER B 39 30.72 -7.80 -27.44
CA SER B 39 31.94 -7.30 -28.08
C SER B 39 31.64 -6.17 -29.07
N GLN B 40 30.72 -5.28 -28.70
CA GLN B 40 30.37 -4.15 -29.56
C GLN B 40 29.75 -3.05 -28.71
N GLY B 41 29.71 -1.85 -29.27
CA GLY B 41 29.14 -0.72 -28.58
C GLY B 41 27.63 -0.79 -28.47
N ASN B 42 27.13 -1.68 -27.63
CA ASN B 42 25.71 -1.88 -27.42
C ASN B 42 25.30 -1.24 -26.09
N TYR B 43 24.38 -0.29 -26.15
CA TYR B 43 23.91 0.33 -24.92
C TYR B 43 22.92 -0.58 -24.21
N LEU B 44 22.61 -0.24 -22.97
CA LEU B 44 21.80 -1.06 -22.09
C LEU B 44 20.61 -0.26 -21.59
N LYS B 45 19.40 -0.73 -21.92
CA LYS B 45 18.16 -0.12 -21.46
C LYS B 45 17.55 -0.96 -20.34
N THR B 46 16.90 -0.27 -19.41
CA THR B 46 16.24 -0.91 -18.28
C THR B 46 14.75 -0.63 -18.34
N GLU B 47 13.95 -1.68 -18.24
CA GLU B 47 12.49 -1.57 -18.29
C GLU B 47 11.89 -2.41 -17.18
N ASP B 48 10.93 -1.82 -16.47
CA ASP B 48 10.26 -2.56 -15.41
C ASP B 48 9.35 -3.64 -16.01
N ILE B 49 9.08 -4.65 -15.21
CA ILE B 49 8.21 -5.76 -15.61
C ILE B 49 6.87 -5.59 -14.92
N PRO B 50 5.74 -5.71 -15.63
CA PRO B 50 4.44 -5.57 -14.99
C PRO B 50 4.22 -6.62 -13.92
N ALA B 51 3.27 -6.33 -13.03
CA ALA B 51 2.97 -7.22 -11.90
C ALA B 51 1.70 -8.00 -12.16
N PRO B 52 1.77 -9.32 -12.37
CA PRO B 52 0.54 -10.10 -12.57
C PRO B 52 -0.32 -10.14 -11.32
N ARG B 53 -1.44 -9.42 -11.33
CA ARG B 53 -2.34 -9.39 -10.19
C ARG B 53 -2.92 -10.78 -9.94
N GLY B 54 -3.26 -11.05 -8.68
CA GLY B 54 -3.74 -12.38 -8.31
C GLY B 54 -5.05 -12.74 -8.96
N LYS B 55 -5.37 -14.03 -8.90
CA LYS B 55 -6.58 -14.58 -9.49
C LYS B 55 -7.60 -14.82 -8.38
N ILE B 56 -8.74 -14.16 -8.47
CA ILE B 56 -9.84 -14.37 -7.52
C ILE B 56 -10.69 -15.52 -8.03
N LEU B 57 -10.81 -16.58 -7.23
CA LEU B 57 -11.62 -17.73 -7.58
C LEU B 57 -12.29 -18.25 -6.32
N ASP B 58 -13.45 -18.88 -6.50
CA ASP B 58 -14.20 -19.42 -5.38
C ASP B 58 -13.70 -20.83 -5.05
N ARG B 59 -14.36 -21.46 -4.08
CA ARG B 59 -14.08 -22.87 -3.82
C ARG B 59 -14.48 -23.70 -5.02
N LYS B 60 -13.85 -24.86 -5.15
CA LYS B 60 -13.99 -25.82 -6.24
C LYS B 60 -13.34 -25.34 -7.54
N GLY B 61 -12.67 -24.19 -7.54
CA GLY B 61 -11.77 -23.82 -8.61
C GLY B 61 -12.34 -23.02 -9.76
N ARG B 62 -13.55 -22.48 -9.64
CA ARG B 62 -14.12 -21.66 -10.70
C ARG B 62 -13.55 -20.25 -10.61
N VAL B 63 -12.79 -19.85 -11.63
CA VAL B 63 -12.17 -18.53 -11.62
C VAL B 63 -13.25 -17.46 -11.70
N LEU B 64 -13.11 -16.43 -10.87
CA LEU B 64 -13.99 -15.28 -10.89
C LEU B 64 -13.32 -14.01 -11.38
N ALA B 65 -11.99 -13.94 -11.29
CA ALA B 65 -11.24 -12.78 -11.77
C ALA B 65 -9.83 -13.22 -12.11
N GLN B 66 -9.27 -12.61 -13.15
CA GLN B 66 -7.93 -12.92 -13.65
C GLN B 66 -7.58 -11.87 -14.69
N ASP B 67 -6.33 -11.90 -15.14
CA ASP B 67 -5.90 -11.01 -16.22
C ASP B 67 -5.04 -11.78 -17.19
N ARG B 68 -5.15 -11.43 -18.47
CA ARG B 68 -4.39 -12.07 -19.52
C ARG B 68 -3.98 -11.00 -20.53
N LEU B 69 -3.56 -11.42 -21.71
CA LEU B 69 -3.10 -10.51 -22.75
C LEU B 69 -4.26 -10.08 -23.64
N VAL B 70 -4.23 -8.81 -24.05
CA VAL B 70 -5.18 -8.27 -25.03
C VAL B 70 -4.40 -7.97 -26.29
N VAL B 71 -4.58 -8.78 -27.32
CA VAL B 71 -3.82 -8.68 -28.55
C VAL B 71 -4.61 -7.85 -29.55
N ASP B 72 -3.99 -6.79 -30.07
CA ASP B 72 -4.61 -5.91 -31.05
C ASP B 72 -3.73 -5.84 -32.29
N LEU B 73 -4.36 -5.46 -33.41
CA LEU B 73 -3.67 -5.26 -34.68
C LEU B 73 -3.63 -3.78 -34.99
N VAL B 74 -2.43 -3.21 -35.07
CA VAL B 74 -2.23 -1.81 -35.41
C VAL B 74 -1.35 -1.75 -36.65
N TYR B 75 -1.64 -0.79 -37.53
CA TYR B 75 -0.84 -0.62 -38.73
C TYR B 75 -0.81 0.85 -39.12
N THR B 76 0.35 1.30 -39.62
CA THR B 76 0.55 2.65 -40.09
C THR B 76 1.19 2.62 -41.47
N GLY B 77 0.72 3.48 -42.37
CA GLY B 77 1.29 3.56 -43.70
C GLY B 77 0.35 3.09 -44.79
N GLY B 78 -0.16 1.86 -44.66
CA GLY B 78 -1.09 1.33 -45.64
C GLY B 78 -0.43 0.52 -46.73
N GLU B 79 0.53 -0.32 -46.36
CA GLU B 79 1.21 -1.17 -47.34
C GLU B 79 0.45 -2.47 -47.53
N VAL B 80 0.57 -3.05 -48.72
CA VAL B 80 -0.22 -4.22 -49.07
C VAL B 80 0.16 -5.41 -48.22
N ALA B 81 1.46 -5.74 -48.18
CA ALA B 81 1.98 -6.95 -47.52
C ALA B 81 1.30 -8.15 -48.18
N PHE B 82 0.75 -9.09 -47.44
CA PHE B 82 -0.04 -10.18 -48.00
C PHE B 82 -1.53 -9.92 -47.81
N LYS B 83 -1.99 -8.85 -48.44
CA LYS B 83 -3.33 -8.32 -48.18
C LYS B 83 -4.42 -9.29 -48.62
N GLU B 84 -4.18 -10.07 -49.69
CA GLU B 84 -5.24 -10.92 -50.22
C GLU B 84 -5.68 -11.98 -49.21
N ARG B 85 -4.77 -12.43 -48.34
CA ARG B 85 -5.12 -13.40 -47.31
C ARG B 85 -5.69 -12.74 -46.05
N LEU B 86 -5.38 -11.46 -45.81
CA LEU B 86 -5.83 -10.81 -44.59
C LEU B 86 -7.31 -10.43 -44.65
N LEU B 87 -7.76 -9.92 -45.80
CA LEU B 87 -9.14 -9.43 -45.89
C LEU B 87 -10.17 -10.49 -45.58
N PRO B 88 -10.11 -11.71 -46.12
CA PRO B 88 -11.08 -12.74 -45.70
C PRO B 88 -10.89 -13.19 -44.26
N LEU B 89 -9.67 -13.19 -43.76
CA LEU B 89 -9.44 -13.56 -42.36
C LEU B 89 -10.01 -12.52 -41.41
N LEU B 90 -9.77 -11.23 -41.69
CA LEU B 90 -10.28 -10.18 -40.83
C LEU B 90 -11.73 -9.85 -41.11
N GLY B 91 -12.17 -10.01 -42.36
CA GLY B 91 -13.54 -9.69 -42.72
C GLY B 91 -13.82 -8.23 -42.93
N LEU B 92 -12.79 -7.43 -43.23
CA LEU B 92 -12.95 -5.99 -43.45
C LEU B 92 -13.02 -5.63 -44.92
N GLU B 93 -12.46 -6.45 -45.81
CA GLU B 93 -12.63 -6.31 -47.26
C GLU B 93 -11.93 -5.06 -47.78
N ASP B 94 -11.29 -4.28 -46.91
CA ASP B 94 -10.58 -3.08 -47.35
C ASP B 94 -9.69 -2.60 -46.21
N LEU B 95 -8.67 -1.81 -46.57
CA LEU B 95 -7.77 -1.22 -45.60
C LEU B 95 -8.11 0.24 -45.42
N PRO B 96 -8.78 0.63 -44.33
CA PRO B 96 -9.07 2.06 -44.12
C PRO B 96 -7.81 2.88 -43.91
N GLN B 97 -7.48 3.72 -44.88
CA GLN B 97 -6.23 4.47 -44.87
C GLN B 97 -6.40 5.71 -44.00
N VAL B 98 -5.88 5.65 -42.77
CA VAL B 98 -5.88 6.79 -41.86
C VAL B 98 -4.43 7.15 -41.56
N THR B 99 -4.22 8.41 -41.15
CA THR B 99 -2.87 8.89 -40.90
C THR B 99 -2.32 8.40 -39.57
N GLU B 100 -3.12 8.50 -38.51
CA GLU B 100 -2.69 8.11 -37.17
C GLU B 100 -2.76 6.59 -37.00
N PRO B 101 -1.97 6.03 -36.09
CA PRO B 101 -2.06 4.59 -35.83
C PRO B 101 -3.43 4.21 -35.31
N THR B 102 -4.02 3.18 -35.93
CA THR B 102 -5.36 2.73 -35.59
C THR B 102 -5.35 1.22 -35.40
N VAL B 103 -6.34 0.74 -34.64
CA VAL B 103 -6.42 -0.66 -34.24
C VAL B 103 -7.43 -1.38 -35.12
N LEU B 104 -7.11 -2.61 -35.52
CA LEU B 104 -8.01 -3.48 -36.25
C LEU B 104 -8.21 -4.78 -35.48
N LYS B 105 -9.45 -5.23 -35.40
CA LYS B 105 -9.83 -6.47 -34.73
C LYS B 105 -9.21 -6.57 -33.33
N ALA B 106 -9.81 -5.88 -32.36
CA ALA B 106 -9.35 -5.99 -30.99
C ALA B 106 -9.79 -7.33 -30.39
N GLY B 107 -9.07 -7.75 -29.36
CA GLY B 107 -9.35 -9.03 -28.74
C GLY B 107 -9.17 -10.19 -29.69
N VAL B 108 -7.97 -10.33 -30.24
CA VAL B 108 -7.70 -11.41 -31.20
C VAL B 108 -7.83 -12.76 -30.49
N PRO B 109 -8.63 -13.68 -31.00
CA PRO B 109 -8.81 -14.98 -30.32
C PRO B 109 -7.55 -15.83 -30.42
N GLU B 110 -7.55 -16.89 -29.63
CA GLU B 110 -6.38 -17.78 -29.56
C GLU B 110 -6.16 -18.57 -30.84
N ALA B 111 -7.18 -18.70 -31.68
CA ALA B 111 -7.02 -19.40 -32.95
C ALA B 111 -6.58 -18.48 -34.08
N LEU B 112 -6.96 -17.21 -34.02
CA LEU B 112 -6.56 -16.26 -35.07
C LEU B 112 -5.13 -15.77 -34.88
N ARG B 113 -4.65 -15.74 -33.63
CA ARG B 113 -3.30 -15.26 -33.37
C ARG B 113 -2.22 -16.04 -34.09
N PRO B 114 -2.21 -17.39 -34.10
CA PRO B 114 -1.17 -18.10 -34.86
C PRO B 114 -1.24 -17.82 -36.35
N THR B 115 -2.45 -17.76 -36.91
CA THR B 115 -2.59 -17.50 -38.33
C THR B 115 -2.14 -16.09 -38.68
N LEU B 116 -2.48 -15.11 -37.85
CA LEU B 116 -1.99 -13.75 -38.07
C LEU B 116 -0.47 -13.70 -37.93
N GLU B 117 0.09 -14.42 -36.96
CA GLU B 117 1.52 -14.36 -36.71
C GLU B 117 2.32 -14.84 -37.93
N GLU B 118 1.80 -15.83 -38.65
CA GLU B 118 2.45 -16.27 -39.88
C GLU B 118 2.37 -15.18 -40.95
N LEU B 119 1.31 -14.38 -40.95
CA LEU B 119 1.15 -13.29 -41.90
C LEU B 119 1.71 -11.97 -41.39
N THR B 120 2.12 -11.89 -40.11
CA THR B 120 2.75 -10.67 -39.62
C THR B 120 4.03 -10.37 -40.36
N ALA B 121 4.83 -11.41 -40.66
CA ALA B 121 6.08 -11.32 -41.40
C ALA B 121 7.11 -10.41 -40.74
N GLY B 122 6.85 -9.96 -39.52
CA GLY B 122 7.78 -9.08 -38.83
C GLY B 122 8.05 -7.79 -39.57
N GLN B 123 7.04 -7.23 -40.22
CA GLN B 123 7.20 -6.02 -41.01
C GLN B 123 6.88 -4.78 -40.17
N LYS B 124 7.29 -3.62 -40.68
CA LYS B 124 7.18 -2.38 -39.92
C LYS B 124 5.73 -1.92 -39.76
N ASN B 125 4.83 -2.35 -40.63
CA ASN B 125 3.45 -1.89 -40.55
C ASN B 125 2.58 -2.80 -39.69
N LEU B 126 2.73 -4.11 -39.81
CA LEU B 126 1.86 -5.06 -39.11
C LEU B 126 2.58 -5.58 -37.86
N TYR B 127 2.04 -5.24 -36.69
CA TYR B 127 2.54 -5.76 -35.43
C TYR B 127 1.34 -6.08 -34.53
N LEU B 128 1.63 -6.67 -33.38
CA LEU B 128 0.62 -7.15 -32.44
C LEU B 128 0.93 -6.61 -31.04
N ARG B 129 0.31 -5.50 -30.68
CA ARG B 129 0.53 -4.94 -29.35
C ARG B 129 -0.18 -5.78 -28.30
N GLU B 130 0.49 -5.99 -27.17
CA GLU B 130 -0.04 -6.79 -26.07
C GLU B 130 -0.36 -5.89 -24.89
N ARG B 131 -1.48 -6.16 -24.24
CA ARG B 131 -1.97 -5.32 -23.14
C ARG B 131 -2.47 -6.22 -22.02
N ILE B 132 -2.44 -5.67 -20.81
CA ILE B 132 -2.95 -6.36 -19.62
C ILE B 132 -4.29 -5.76 -19.24
N GLU B 133 -5.26 -6.61 -18.93
CA GLU B 133 -6.58 -6.17 -18.51
C GLU B 133 -7.20 -7.25 -17.65
N ARG B 134 -7.90 -6.83 -16.60
CA ARG B 134 -8.52 -7.77 -15.68
C ARG B 134 -9.76 -8.38 -16.32
N TYR B 135 -9.84 -9.71 -16.29
CA TYR B 135 -10.88 -10.47 -16.97
C TYR B 135 -11.65 -11.29 -15.94
N TYR B 136 -12.97 -11.11 -15.91
CA TYR B 136 -13.84 -11.85 -15.01
C TYR B 136 -14.57 -12.93 -15.80
N PRO B 137 -14.09 -14.18 -15.80
CA PRO B 137 -14.78 -15.21 -16.59
C PRO B 137 -16.18 -15.52 -16.10
N ASN B 138 -16.39 -15.50 -14.78
CA ASN B 138 -17.70 -15.71 -14.17
C ASN B 138 -18.04 -14.48 -13.36
N PRO B 139 -18.53 -13.41 -14.01
CA PRO B 139 -18.78 -12.16 -13.28
C PRO B 139 -19.84 -12.34 -12.20
N ILE B 140 -19.60 -11.70 -11.06
CA ILE B 140 -20.49 -11.74 -9.91
C ILE B 140 -20.83 -10.31 -9.53
N SER B 141 -22.05 -10.12 -9.01
CA SER B 141 -22.60 -8.82 -8.65
C SER B 141 -21.56 -7.82 -8.17
N GLY B 142 -21.43 -6.71 -8.88
CA GLY B 142 -20.43 -5.70 -8.61
C GLY B 142 -20.35 -5.26 -7.16
N PRO B 143 -21.46 -4.74 -6.60
CA PRO B 143 -21.43 -4.26 -5.21
C PRO B 143 -20.76 -5.19 -4.21
N VAL B 144 -20.71 -6.48 -4.53
CA VAL B 144 -19.95 -7.45 -3.74
C VAL B 144 -18.59 -7.72 -4.38
N MET B 145 -18.56 -8.00 -5.68
CA MET B 145 -17.31 -8.30 -6.36
C MET B 145 -16.52 -7.03 -6.67
N GLY B 146 -17.14 -6.10 -7.38
CA GLY B 146 -16.54 -4.80 -7.61
C GLY B 146 -15.63 -4.75 -8.83
N TYR B 147 -15.01 -3.59 -9.00
CA TYR B 147 -14.36 -3.21 -10.24
C TYR B 147 -12.88 -2.87 -10.01
N VAL B 148 -12.24 -2.35 -11.05
CA VAL B 148 -10.82 -2.07 -11.06
C VAL B 148 -10.57 -0.84 -11.95
N LEU B 149 -9.80 0.11 -11.44
CA LEU B 149 -9.39 1.29 -12.19
C LEU B 149 -7.88 1.44 -12.11
N ARG B 150 -7.34 2.32 -12.94
CA ARG B 150 -5.92 2.61 -12.90
C ARG B 150 -5.59 3.48 -11.68
N ALA B 151 -4.29 3.62 -11.42
CA ALA B 151 -3.84 4.34 -10.24
C ALA B 151 -4.19 5.82 -10.34
N ASN B 152 -4.90 6.32 -9.32
CA ASN B 152 -5.30 7.72 -9.29
C ASN B 152 -4.09 8.62 -9.03
N ALA B 153 -4.26 9.91 -9.35
CA ALA B 153 -3.17 10.86 -9.16
C ALA B 153 -2.77 10.96 -7.70
N ALA B 154 -3.74 10.90 -6.78
CA ALA B 154 -3.41 10.90 -5.37
C ALA B 154 -2.71 9.61 -4.96
N GLN B 155 -3.07 8.49 -5.60
CA GLN B 155 -2.45 7.20 -5.29
C GLN B 155 -1.08 7.04 -5.93
N VAL B 156 -0.80 7.77 -7.01
CA VAL B 156 0.50 7.68 -7.66
C VAL B 156 1.60 8.13 -6.70
N LYS B 157 1.32 9.14 -5.89
CA LYS B 157 2.32 9.64 -4.95
C LYS B 157 2.67 8.63 -3.86
N GLN B 158 1.80 7.64 -3.62
CA GLN B 158 2.07 6.59 -2.65
C GLN B 158 3.01 5.52 -3.18
N GLY B 159 3.62 5.74 -4.35
CA GLY B 159 4.55 4.78 -4.90
C GLY B 159 3.95 3.76 -5.84
N TYR B 160 2.83 4.08 -6.49
CA TYR B 160 2.18 3.16 -7.41
C TYR B 160 2.32 3.69 -8.83
N SER B 161 2.79 2.83 -9.73
CA SER B 161 2.94 3.23 -11.13
C SER B 161 1.56 3.34 -11.78
N PRO B 162 1.42 4.23 -12.77
CA PRO B 162 0.11 4.37 -13.44
C PRO B 162 -0.37 3.09 -14.12
N GLU B 163 0.53 2.18 -14.46
CA GLU B 163 0.14 0.90 -15.03
C GLU B 163 -0.40 -0.07 -13.99
N GLU B 164 -0.35 0.29 -12.71
CA GLU B 164 -0.93 -0.53 -11.67
C GLU B 164 -2.44 -0.30 -11.60
N GLU B 165 -3.15 -1.31 -11.09
CA GLU B 165 -4.61 -1.29 -11.01
C GLU B 165 -5.02 -1.25 -9.55
N VAL B 166 -5.75 -0.20 -9.17
CA VAL B 166 -6.23 -0.03 -7.81
C VAL B 166 -7.70 -0.41 -7.75
N GLY B 167 -8.04 -1.30 -6.83
CA GLY B 167 -9.40 -1.77 -6.73
C GLY B 167 -10.20 -1.10 -5.63
N GLN B 168 -11.14 -0.24 -6.02
CA GLN B 168 -12.11 0.34 -5.10
C GLN B 168 -13.24 -0.63 -4.77
N ALA B 169 -13.11 -1.87 -5.24
CA ALA B 169 -14.14 -2.88 -5.05
C ALA B 169 -14.26 -3.27 -3.59
N GLY B 170 -15.48 -3.61 -3.18
CA GLY B 170 -15.68 -4.12 -1.83
C GLY B 170 -14.83 -5.34 -1.55
N LEU B 171 -14.69 -6.22 -2.54
CA LEU B 171 -13.90 -7.43 -2.37
C LEU B 171 -12.46 -7.27 -2.84
N GLU B 172 -12.22 -6.50 -3.91
CA GLU B 172 -10.86 -6.33 -4.42
C GLU B 172 -10.05 -5.30 -3.65
N ALA B 173 -10.68 -4.44 -2.84
CA ALA B 173 -9.90 -3.57 -1.97
C ALA B 173 -9.38 -4.34 -0.75
N ALA B 174 -10.22 -5.19 -0.17
CA ALA B 174 -9.79 -6.01 0.95
C ALA B 174 -8.66 -6.94 0.55
N LEU B 175 -8.71 -7.46 -0.68
CA LEU B 175 -7.68 -8.35 -1.18
C LEU B 175 -6.54 -7.62 -1.89
N GLU B 176 -6.67 -6.32 -2.10
CA GLU B 176 -5.66 -5.58 -2.86
C GLU B 176 -4.25 -5.71 -2.27
N PRO B 177 -4.03 -5.59 -0.96
CA PRO B 177 -2.66 -5.80 -0.45
C PRO B 177 -2.14 -7.20 -0.72
N TYR B 178 -3.02 -8.21 -0.74
CA TYR B 178 -2.56 -9.57 -0.99
C TYR B 178 -2.46 -9.86 -2.48
N LEU B 179 -3.36 -9.30 -3.30
CA LEU B 179 -3.38 -9.61 -4.72
C LEU B 179 -2.20 -8.98 -5.45
N ARG B 180 -1.82 -7.77 -5.05
CA ARG B 180 -0.81 -7.02 -5.79
C ARG B 180 0.53 -7.77 -5.80
N GLY B 181 1.12 -7.87 -6.99
CA GLY B 181 2.43 -8.45 -7.13
C GLY B 181 3.51 -7.39 -7.20
N LYS B 182 4.76 -7.84 -7.05
CA LYS B 182 5.91 -6.94 -7.06
C LYS B 182 6.25 -6.60 -8.51
N ARG B 183 6.19 -5.32 -8.86
CA ARG B 183 6.55 -4.86 -10.19
C ARG B 183 8.05 -5.05 -10.39
N GLY B 184 8.43 -6.08 -11.12
CA GLY B 184 9.82 -6.39 -11.33
C GLY B 184 10.50 -5.40 -12.26
N VAL B 185 11.83 -5.53 -12.34
CA VAL B 185 12.67 -4.67 -13.16
C VAL B 185 13.63 -5.55 -13.95
N ARG B 186 13.78 -5.26 -15.24
CA ARG B 186 14.70 -5.99 -16.10
C ARG B 186 15.53 -5.01 -16.90
N ALA B 187 16.54 -5.54 -17.59
CA ALA B 187 17.42 -4.74 -18.43
C ALA B 187 17.85 -5.57 -19.62
N VAL B 188 17.73 -5.03 -20.82
CA VAL B 188 17.97 -5.76 -22.05
C VAL B 188 19.09 -5.07 -22.83
N GLU B 189 19.99 -5.89 -23.39
CA GLU B 189 21.07 -5.38 -24.23
C GLU B 189 20.51 -4.99 -25.59
N VAL B 190 20.69 -3.73 -25.98
CA VAL B 190 20.19 -3.22 -27.25
C VAL B 190 21.37 -3.06 -28.20
N ASN B 191 21.24 -3.64 -29.40
CA ASN B 191 22.28 -3.57 -30.40
C ASN B 191 22.35 -2.15 -30.98
N VAL B 192 23.35 -1.93 -31.84
CA VAL B 192 23.40 -0.68 -32.59
C VAL B 192 22.22 -0.60 -33.55
N ARG B 193 21.78 -1.74 -34.09
CA ARG B 193 20.58 -1.76 -34.93
C ARG B 193 19.34 -1.45 -34.11
N GLY B 194 19.31 -1.81 -32.84
CA GLY B 194 18.18 -1.58 -31.98
C GLY B 194 17.40 -2.81 -31.59
N GLU B 195 17.92 -4.01 -31.82
CA GLU B 195 17.20 -5.25 -31.56
C GLU B 195 17.42 -5.73 -30.13
N ARG B 196 16.48 -6.51 -29.64
CA ARG B 196 16.66 -7.21 -28.38
C ARG B 196 17.66 -8.34 -28.55
N LEU B 197 18.56 -8.48 -27.58
CA LEU B 197 19.61 -9.50 -27.66
C LEU B 197 19.56 -10.46 -26.48
N ARG B 198 19.69 -9.94 -25.26
CA ARG B 198 19.61 -10.77 -24.06
C ARG B 198 18.84 -10.00 -22.99
N GLU B 199 17.94 -10.69 -22.30
CA GLU B 199 17.21 -10.12 -21.18
C GLU B 199 17.93 -10.45 -19.88
N THR B 200 17.87 -9.52 -18.93
CA THR B 200 18.52 -9.67 -17.63
C THR B 200 17.52 -9.31 -16.54
N VAL B 201 17.18 -10.29 -15.71
CA VAL B 201 16.26 -10.07 -14.60
C VAL B 201 17.02 -9.46 -13.44
N LEU B 202 16.56 -8.29 -12.99
CA LEU B 202 17.16 -7.63 -11.84
C LEU B 202 16.21 -7.54 -10.65
N GLU B 203 14.91 -7.68 -10.87
CA GLU B 203 13.93 -7.80 -9.79
C GLU B 203 12.89 -8.81 -10.26
N GLU B 204 12.92 -10.01 -9.71
CA GLU B 204 11.98 -11.03 -10.14
C GLU B 204 10.57 -10.62 -9.71
N PRO B 205 9.61 -10.58 -10.63
CA PRO B 205 8.26 -10.13 -10.26
C PRO B 205 7.53 -11.19 -9.45
N THR B 206 6.87 -10.75 -8.39
CA THR B 206 6.01 -11.69 -7.68
C THR B 206 4.64 -11.73 -8.37
N PRO B 207 4.11 -12.92 -8.66
CA PRO B 207 2.88 -13.00 -9.45
C PRO B 207 1.61 -12.84 -8.63
N GLY B 208 1.72 -12.19 -7.46
CA GLY B 208 0.58 -12.04 -6.59
C GLY B 208 0.12 -13.36 -6.01
N GLN B 209 -0.94 -13.27 -5.20
CA GLN B 209 -1.49 -14.43 -4.52
C GLN B 209 -2.91 -14.70 -4.98
N ASP B 210 -3.27 -15.98 -5.01
CA ASP B 210 -4.59 -16.42 -5.46
C ASP B 210 -5.47 -16.70 -4.25
N VAL B 211 -6.58 -15.99 -4.16
CA VAL B 211 -7.50 -16.09 -3.02
C VAL B 211 -8.63 -17.03 -3.40
N VAL B 212 -8.95 -17.96 -2.50
CA VAL B 212 -10.09 -18.86 -2.65
C VAL B 212 -11.20 -18.37 -1.75
N LEU B 213 -12.38 -18.14 -2.32
CA LEU B 213 -13.52 -17.60 -1.60
C LEU B 213 -14.47 -18.70 -1.16
N THR B 214 -15.23 -18.40 -0.11
CA THR B 214 -16.26 -19.32 0.36
C THR B 214 -17.51 -19.30 -0.51
N LEU B 215 -17.59 -18.37 -1.46
CA LEU B 215 -18.73 -18.32 -2.38
C LEU B 215 -18.80 -19.57 -3.24
N ASP B 216 -20.00 -19.90 -3.68
CA ASP B 216 -20.23 -20.92 -4.69
C ASP B 216 -20.83 -20.25 -5.91
N LEU B 217 -20.22 -20.49 -7.08
CA LEU B 217 -20.73 -19.90 -8.31
C LEU B 217 -22.14 -20.38 -8.61
N ALA B 218 -22.49 -21.59 -8.17
CA ALA B 218 -23.84 -22.10 -8.36
C ALA B 218 -24.86 -21.27 -7.57
N LEU B 219 -24.63 -21.14 -6.27
CA LEU B 219 -25.53 -20.34 -5.43
C LEU B 219 -25.50 -18.86 -5.78
N GLN B 220 -24.40 -18.39 -6.39
CA GLN B 220 -24.31 -16.97 -6.72
C GLN B 220 -25.21 -16.61 -7.91
N ARG B 221 -25.21 -17.44 -8.95
CA ARG B 221 -26.15 -17.26 -10.04
C ARG B 221 -27.59 -17.33 -9.53
N ALA B 222 -27.85 -18.25 -8.58
CA ALA B 222 -29.20 -18.40 -8.05
C ALA B 222 -29.64 -17.15 -7.32
N ALA B 223 -28.73 -16.52 -6.56
CA ALA B 223 -29.08 -15.32 -5.81
C ALA B 223 -29.42 -14.17 -6.74
N GLU B 224 -28.53 -13.86 -7.68
CA GLU B 224 -28.78 -12.77 -8.63
C GLU B 224 -30.01 -13.07 -9.47
N LYS B 225 -30.23 -14.33 -9.84
CA LYS B 225 -31.42 -14.71 -10.58
C LYS B 225 -32.68 -14.43 -9.75
N ALA B 226 -32.73 -14.99 -8.54
CA ALA B 226 -33.92 -14.84 -7.69
C ALA B 226 -34.22 -13.39 -7.34
N LEU B 227 -33.26 -12.48 -7.53
CA LEU B 227 -33.56 -11.06 -7.34
C LEU B 227 -34.51 -10.52 -8.41
N GLU B 228 -34.51 -11.13 -9.59
CA GLU B 228 -35.30 -10.61 -10.71
C GLU B 228 -36.75 -11.05 -10.65
N GLU B 229 -37.03 -12.31 -10.30
CA GLU B 229 -38.41 -12.73 -10.14
C GLU B 229 -39.09 -12.06 -8.96
N ALA B 230 -38.30 -11.54 -8.01
CA ALA B 230 -38.88 -10.69 -6.97
C ALA B 230 -39.42 -9.40 -7.56
N LEU B 231 -38.74 -8.86 -8.58
CA LEU B 231 -39.25 -7.68 -9.27
C LEU B 231 -40.63 -7.93 -9.85
N ALA B 232 -40.83 -9.10 -10.47
CA ALA B 232 -42.16 -9.46 -10.95
C ALA B 232 -43.15 -9.55 -9.80
N ASP B 233 -42.69 -9.92 -8.61
CA ASP B 233 -43.54 -9.93 -7.43
C ASP B 233 -43.58 -8.58 -6.73
N ILE B 234 -42.52 -7.78 -6.83
CA ILE B 234 -42.55 -6.43 -6.28
C ILE B 234 -43.51 -5.56 -7.08
N ASN B 235 -43.41 -5.61 -8.41
CA ASN B 235 -44.35 -4.87 -9.25
C ASN B 235 -45.78 -5.35 -9.01
N ALA B 236 -45.96 -6.66 -8.79
CA ALA B 236 -47.29 -7.19 -8.54
C ALA B 236 -47.86 -6.67 -7.22
N GLY B 237 -47.02 -6.59 -6.19
CA GLY B 237 -47.50 -6.08 -4.90
C GLY B 237 -47.77 -4.60 -4.94
N ARG B 238 -46.88 -3.83 -5.58
CA ARG B 238 -47.10 -2.39 -5.70
C ARG B 238 -48.28 -2.07 -6.60
N ARG B 239 -48.69 -3.00 -7.47
CA ARG B 239 -49.85 -2.77 -8.33
C ARG B 239 -51.13 -2.68 -7.51
N LEU B 240 -51.25 -3.49 -6.46
CA LEU B 240 -52.44 -3.46 -5.62
C LEU B 240 -52.53 -2.18 -4.80
N ASN B 241 -51.43 -1.45 -4.65
CA ASN B 241 -51.43 -0.19 -3.93
C ASN B 241 -51.60 1.02 -4.84
N GLY B 242 -51.56 0.83 -6.16
CA GLY B 242 -51.61 1.93 -7.10
C GLY B 242 -50.28 2.61 -7.34
N LEU B 243 -49.25 2.29 -6.58
CA LEU B 243 -47.94 2.86 -6.80
C LEU B 243 -47.37 2.36 -8.13
N PRO B 244 -46.48 3.13 -8.75
CA PRO B 244 -45.94 2.72 -10.06
C PRO B 244 -45.18 1.41 -9.97
N GLU B 245 -44.95 0.81 -11.14
CA GLU B 245 -44.27 -0.48 -11.22
C GLU B 245 -42.85 -0.43 -10.66
N GLU B 246 -42.20 0.74 -10.68
CA GLU B 246 -40.87 0.97 -10.11
C GLU B 246 -39.93 -0.20 -10.38
N LYS B 247 -39.81 -0.57 -11.65
CA LYS B 247 -39.00 -1.71 -12.08
C LYS B 247 -37.52 -1.34 -12.01
N GLN B 248 -36.95 -1.47 -10.79
CA GLN B 248 -35.54 -1.21 -10.54
C GLN B 248 -34.83 -2.33 -9.79
N VAL B 249 -35.56 -3.24 -9.15
CA VAL B 249 -34.99 -4.42 -8.51
C VAL B 249 -34.02 -4.03 -7.40
N LYS B 250 -34.41 -3.07 -6.55
CA LYS B 250 -33.56 -2.72 -5.43
C LYS B 250 -33.66 -3.79 -4.34
N GLY B 251 -32.54 -4.06 -3.69
CA GLY B 251 -32.47 -5.04 -2.63
C GLY B 251 -31.20 -5.87 -2.74
N ALA B 252 -31.10 -6.88 -1.90
CA ALA B 252 -29.95 -7.76 -1.86
C ALA B 252 -30.36 -9.08 -1.20
N ILE B 253 -29.43 -10.02 -1.14
CA ILE B 253 -29.70 -11.33 -0.56
C ILE B 253 -28.38 -11.97 -0.15
N VAL B 254 -28.39 -12.66 0.99
CA VAL B 254 -27.21 -13.31 1.54
C VAL B 254 -27.58 -14.74 1.92
N ALA B 255 -26.69 -15.68 1.62
CA ALA B 255 -26.89 -17.08 1.93
C ALA B 255 -25.58 -17.68 2.39
N LEU B 256 -25.52 -18.12 3.65
CA LEU B 256 -24.27 -18.55 4.27
C LEU B 256 -24.48 -19.86 5.03
N ASP B 257 -23.35 -20.43 5.47
CA ASP B 257 -23.34 -21.64 6.28
C ASP B 257 -23.36 -21.28 7.75
N PRO B 258 -24.33 -21.74 8.54
CA PRO B 258 -24.36 -21.37 9.96
C PRO B 258 -23.24 -21.99 10.79
N THR B 259 -22.80 -23.20 10.46
CA THR B 259 -21.78 -23.86 11.28
C THR B 259 -20.41 -23.25 11.05
N THR B 260 -19.85 -23.41 9.86
CA THR B 260 -18.49 -22.97 9.58
C THR B 260 -18.39 -21.46 9.36
N GLY B 261 -19.49 -20.72 9.43
CA GLY B 261 -19.43 -19.29 9.22
C GLY B 261 -19.03 -18.85 7.82
N GLU B 262 -18.98 -19.78 6.85
CA GLU B 262 -18.67 -19.40 5.48
C GLU B 262 -19.90 -18.84 4.78
N VAL B 263 -19.70 -17.78 4.01
CA VAL B 263 -20.77 -17.20 3.21
C VAL B 263 -20.75 -17.86 1.84
N LEU B 264 -21.90 -18.36 1.39
CA LEU B 264 -21.98 -19.16 0.18
C LEU B 264 -22.62 -18.44 -1.00
N ALA B 265 -23.38 -17.38 -0.75
CA ALA B 265 -24.01 -16.63 -1.83
C ALA B 265 -24.36 -15.24 -1.32
N MET B 266 -23.76 -14.22 -1.91
CA MET B 266 -24.04 -12.83 -1.55
C MET B 266 -24.13 -12.00 -2.82
N ALA B 267 -25.28 -11.35 -3.01
CA ALA B 267 -25.51 -10.53 -4.19
C ALA B 267 -26.34 -9.32 -3.81
N SER B 268 -26.21 -8.27 -4.62
CA SER B 268 -26.98 -7.04 -4.46
C SER B 268 -27.56 -6.64 -5.81
N ALA B 269 -28.45 -5.64 -5.77
CA ALA B 269 -29.09 -5.18 -6.98
C ALA B 269 -29.55 -3.74 -6.76
N PRO B 270 -29.43 -2.86 -7.77
CA PRO B 270 -28.98 -3.18 -9.13
C PRO B 270 -27.47 -3.30 -9.26
N SER B 271 -26.98 -4.53 -9.42
CA SER B 271 -25.55 -4.74 -9.59
C SER B 271 -25.10 -4.30 -10.97
N PHE B 272 -23.78 -4.34 -11.19
CA PHE B 272 -23.22 -3.99 -12.48
C PHE B 272 -22.32 -5.11 -12.99
N ASP B 273 -21.61 -4.85 -14.10
CA ASP B 273 -20.71 -5.82 -14.69
C ASP B 273 -19.28 -5.39 -14.41
N PRO B 274 -18.51 -6.17 -13.64
CA PRO B 274 -17.14 -5.74 -13.29
C PRO B 274 -16.21 -5.65 -14.48
N ASN B 275 -16.49 -6.34 -15.58
CA ASN B 275 -15.63 -6.26 -16.75
C ASN B 275 -15.68 -4.89 -17.43
N LEU B 276 -16.71 -4.09 -17.12
CA LEU B 276 -16.84 -2.78 -17.74
C LEU B 276 -15.69 -1.86 -17.34
N PHE B 277 -15.52 -1.63 -16.04
CA PHE B 277 -14.49 -0.72 -15.57
C PHE B 277 -13.09 -1.21 -15.92
N ALA B 278 -12.92 -2.52 -16.10
CA ALA B 278 -11.58 -3.10 -16.18
C ALA B 278 -10.96 -2.97 -17.56
N LYS B 279 -11.53 -3.64 -18.55
CA LYS B 279 -10.80 -3.90 -19.80
C LYS B 279 -10.70 -2.65 -20.66
N ARG B 280 -11.81 -1.96 -20.90
CA ARG B 280 -11.80 -0.84 -21.81
C ARG B 280 -11.04 0.35 -21.19
N PRO B 281 -10.33 1.13 -22.02
CA PRO B 281 -9.59 2.29 -21.51
C PRO B 281 -10.48 3.28 -20.78
N VAL B 282 -11.47 3.83 -21.48
CA VAL B 282 -12.43 4.74 -20.85
C VAL B 282 -13.84 4.37 -21.30
N PRO B 283 -14.51 3.43 -20.61
CA PRO B 283 -15.89 3.11 -20.96
C PRO B 283 -16.83 4.21 -20.51
N GLU B 284 -17.61 4.75 -21.45
CA GLU B 284 -18.53 5.83 -21.10
C GLU B 284 -19.70 5.33 -20.26
N GLU B 285 -20.13 4.08 -20.49
CA GLU B 285 -21.24 3.52 -19.73
C GLU B 285 -20.92 3.46 -18.25
N ALA B 286 -19.64 3.29 -17.90
CA ALA B 286 -19.25 3.28 -16.50
C ALA B 286 -19.35 4.66 -15.87
N LYS B 287 -19.13 5.72 -16.66
CA LYS B 287 -19.26 7.07 -16.13
C LYS B 287 -20.69 7.38 -15.73
N ALA B 288 -21.66 6.87 -16.48
CA ALA B 288 -23.06 7.06 -16.12
C ALA B 288 -23.43 6.24 -14.89
N LEU B 289 -22.73 5.13 -14.65
CA LEU B 289 -22.98 4.35 -13.44
C LEU B 289 -22.58 5.12 -12.19
N LEU B 290 -21.53 5.93 -12.27
CA LEU B 290 -21.08 6.68 -11.10
C LEU B 290 -22.03 7.83 -10.78
N GLU B 291 -22.59 8.47 -11.82
CA GLU B 291 -23.53 9.57 -11.64
C GLU B 291 -24.97 9.08 -11.52
N ASP B 292 -25.17 7.81 -11.23
CA ASP B 292 -26.52 7.25 -11.15
C ASP B 292 -27.27 7.83 -9.96
N LYS B 293 -28.51 8.28 -10.21
CA LYS B 293 -29.37 8.74 -9.12
C LYS B 293 -29.64 7.62 -8.13
N ASN B 294 -29.73 6.38 -8.62
CA ASN B 294 -29.87 5.22 -7.75
C ASN B 294 -28.52 4.86 -7.13
N LEU B 295 -28.40 3.66 -6.56
CA LEU B 295 -27.17 3.19 -5.96
C LEU B 295 -26.80 1.85 -6.61
N PRO B 296 -26.21 1.90 -7.81
CA PRO B 296 -25.86 0.65 -8.50
C PRO B 296 -24.54 0.04 -8.05
N LEU B 297 -23.73 0.77 -7.28
CA LEU B 297 -22.43 0.28 -6.83
C LEU B 297 -22.43 -0.17 -5.38
N LEU B 298 -23.33 0.35 -4.56
CA LEU B 298 -23.34 0.02 -3.14
C LEU B 298 -23.98 -1.34 -2.90
N ASN B 299 -23.38 -2.11 -1.99
CA ASN B 299 -23.89 -3.42 -1.61
C ASN B 299 -24.96 -3.24 -0.54
N ARG B 300 -26.21 -3.49 -0.90
CA ARG B 300 -27.31 -3.35 0.05
C ARG B 300 -27.34 -4.46 1.09
N ALA B 301 -26.42 -5.41 1.01
CA ALA B 301 -26.33 -6.45 2.03
C ALA B 301 -25.61 -5.96 3.29
N VAL B 302 -24.90 -4.84 3.21
CA VAL B 302 -24.13 -4.30 4.32
C VAL B 302 -24.59 -2.92 4.73
N GLN B 303 -25.70 -2.42 4.16
CA GLN B 303 -26.15 -1.09 4.51
C GLN B 303 -27.32 -1.15 5.50
N PRO B 304 -27.44 -0.17 6.39
CA PRO B 304 -28.47 -0.26 7.44
C PRO B 304 -29.86 0.01 6.88
N TYR B 305 -30.79 -0.88 7.19
CA TYR B 305 -32.19 -0.74 6.83
C TYR B 305 -33.05 -1.15 8.01
N THR B 306 -34.32 -0.78 7.95
CA THR B 306 -35.25 -1.13 9.02
C THR B 306 -35.56 -2.61 8.98
N PRO B 307 -35.39 -3.35 10.08
CA PRO B 307 -35.54 -4.81 10.04
C PRO B 307 -36.98 -5.27 10.17
N GLY B 308 -37.75 -4.59 11.02
CA GLY B 308 -39.14 -4.97 11.20
C GLY B 308 -39.27 -6.32 11.89
N SER B 309 -40.23 -7.11 11.43
CA SER B 309 -40.61 -8.37 12.08
C SER B 309 -39.44 -9.35 12.20
N THR B 310 -38.32 -9.12 11.51
CA THR B 310 -37.16 -9.99 11.70
C THR B 310 -36.46 -9.71 13.02
N PHE B 311 -36.46 -8.45 13.46
CA PHE B 311 -35.82 -8.11 14.74
C PHE B 311 -36.58 -8.70 15.92
N LYS B 312 -37.88 -8.95 15.76
CA LYS B 312 -38.67 -9.50 16.85
C LYS B 312 -38.19 -10.88 17.28
N LEU B 313 -37.39 -11.55 16.46
CA LEU B 313 -36.78 -12.81 16.87
C LEU B 313 -35.72 -12.59 17.95
N ALA B 314 -35.06 -11.42 17.93
CA ALA B 314 -34.14 -11.07 19.00
C ALA B 314 -34.87 -10.50 20.20
N THR B 315 -35.99 -9.80 19.98
CA THR B 315 -36.80 -9.32 21.09
C THR B 315 -37.27 -10.48 21.96
N SER B 316 -37.67 -11.59 21.33
CA SER B 316 -38.05 -12.77 22.08
C SER B 316 -36.86 -13.40 22.78
N TYR B 317 -35.67 -13.34 22.17
CA TYR B 317 -34.46 -13.87 22.81
C TYR B 317 -34.16 -13.10 24.09
N ALA B 318 -34.06 -11.77 23.98
CA ALA B 318 -33.83 -10.95 25.17
C ALA B 318 -34.95 -11.10 26.18
N LEU B 319 -36.17 -11.33 25.71
CA LEU B 319 -37.30 -11.52 26.62
C LEU B 319 -37.19 -12.82 27.40
N LEU B 320 -36.57 -13.84 26.81
CA LEU B 320 -36.41 -15.12 27.47
C LEU B 320 -35.16 -15.20 28.33
N GLU B 321 -34.10 -14.49 27.95
CA GLU B 321 -32.86 -14.54 28.72
C GLU B 321 -32.91 -13.67 29.96
N GLU B 322 -33.62 -12.54 29.91
CA GLU B 322 -33.80 -11.71 31.09
C GLU B 322 -34.74 -12.35 32.10
N GLY B 323 -35.59 -13.28 31.67
CA GLY B 323 -36.53 -13.91 32.55
C GLY B 323 -37.92 -13.29 32.57
N TYR B 324 -38.27 -12.50 31.55
CA TYR B 324 -39.57 -11.85 31.53
C TYR B 324 -40.70 -12.86 31.33
N VAL B 325 -40.49 -13.85 30.46
CA VAL B 325 -41.52 -14.83 30.13
C VAL B 325 -40.89 -16.22 30.14
N THR B 326 -41.64 -17.18 30.68
CA THR B 326 -41.26 -18.58 30.59
C THR B 326 -41.60 -19.09 29.18
N PRO B 327 -40.98 -20.21 28.77
CA PRO B 327 -41.29 -20.75 27.42
C PRO B 327 -42.73 -21.18 27.25
N ALA B 328 -43.55 -21.20 28.30
CA ALA B 328 -44.94 -21.62 28.22
C ALA B 328 -45.86 -20.58 28.85
N THR B 329 -45.69 -19.33 28.46
CA THR B 329 -46.56 -18.26 28.94
C THR B 329 -47.85 -18.23 28.13
N THR B 330 -48.77 -17.36 28.56
CA THR B 330 -50.10 -17.27 27.97
C THR B 330 -50.40 -15.81 27.65
N TYR B 331 -50.60 -15.52 26.36
CA TYR B 331 -51.03 -14.20 25.92
C TYR B 331 -51.92 -14.38 24.70
N ARG B 332 -53.08 -13.73 24.72
CA ARG B 332 -54.03 -13.81 23.62
C ARG B 332 -53.70 -12.71 22.60
N CYS B 333 -53.47 -13.12 21.35
CA CYS B 333 -53.10 -12.18 20.29
C CYS B 333 -54.34 -11.46 19.80
N SER B 334 -54.73 -10.42 20.54
CA SER B 334 -55.91 -9.64 20.23
C SER B 334 -55.67 -8.80 18.98
N PRO B 335 -56.74 -8.25 18.39
CA PRO B 335 -56.53 -7.36 17.23
C PRO B 335 -56.03 -5.97 17.61
N TYR B 336 -56.37 -5.49 18.81
CA TYR B 336 -56.00 -4.15 19.23
C TYR B 336 -55.51 -4.17 20.67
N ILE B 337 -54.55 -3.29 20.96
CA ILE B 337 -53.99 -3.14 22.29
C ILE B 337 -53.76 -1.66 22.55
N VAL B 338 -54.12 -1.20 23.75
CA VAL B 338 -53.96 0.19 24.14
C VAL B 338 -52.78 0.26 25.10
N PHE B 339 -51.72 0.97 24.67
CA PHE B 339 -50.57 1.19 25.56
C PHE B 339 -50.91 2.13 26.69
N GLY B 340 -51.89 3.02 26.49
CA GLY B 340 -52.22 4.04 27.45
C GLY B 340 -52.34 5.40 26.81
N GLY B 341 -51.57 5.60 25.74
CA GLY B 341 -51.65 6.82 24.97
C GLY B 341 -52.39 6.63 23.66
N GLN B 342 -51.94 5.67 22.86
CA GLN B 342 -52.58 5.32 21.60
C GLN B 342 -52.80 3.81 21.54
N VAL B 343 -53.59 3.39 20.56
CA VAL B 343 -53.87 1.98 20.34
C VAL B 343 -52.77 1.39 19.47
N ARG B 344 -52.16 0.31 19.93
CA ARG B 344 -51.12 -0.38 19.18
C ARG B 344 -51.78 -1.40 18.26
N ARG B 345 -51.63 -1.20 16.95
CA ARG B 345 -52.32 -2.02 15.98
C ARG B 345 -51.58 -3.34 15.74
N ASN B 346 -52.36 -4.40 15.53
CA ASN B 346 -51.85 -5.70 15.14
C ASN B 346 -51.93 -5.84 13.62
N TRP B 347 -51.10 -6.74 13.08
CA TRP B 347 -51.10 -6.96 11.64
C TRP B 347 -52.42 -7.51 11.15
N ALA B 348 -53.15 -8.21 12.01
CA ALA B 348 -54.44 -8.80 11.65
C ALA B 348 -55.56 -7.87 12.10
N SER B 349 -56.79 -8.39 12.10
CA SER B 349 -57.95 -7.60 12.50
C SER B 349 -58.92 -8.37 13.38
N ARG B 350 -58.66 -9.64 13.70
CA ARG B 350 -59.52 -10.45 14.54
C ARG B 350 -58.66 -11.16 15.59
N ASP B 351 -59.34 -11.77 16.55
CA ASP B 351 -58.64 -12.47 17.63
C ASP B 351 -57.96 -13.72 17.09
N MET B 352 -56.68 -13.87 17.41
CA MET B 352 -55.90 -15.03 16.99
C MET B 352 -56.03 -16.21 17.95
N GLY B 353 -56.11 -15.93 19.25
CA GLY B 353 -56.21 -16.98 20.24
C GLY B 353 -55.02 -16.97 21.20
N PRO B 354 -55.02 -17.90 22.15
CA PRO B 354 -53.91 -17.98 23.09
C PRO B 354 -52.63 -18.45 22.40
N MET B 355 -51.51 -17.85 22.79
CA MET B 355 -50.22 -18.14 22.18
C MET B 355 -49.16 -18.27 23.26
N THR B 356 -48.06 -18.93 22.89
CA THR B 356 -46.85 -18.98 23.69
C THR B 356 -45.74 -18.24 22.95
N VAL B 357 -44.51 -18.34 23.45
CA VAL B 357 -43.38 -17.77 22.74
C VAL B 357 -43.17 -18.49 21.42
N ARG B 358 -43.44 -19.80 21.38
CA ARG B 358 -43.35 -20.55 20.15
C ARG B 358 -44.44 -20.13 19.17
N GLU B 359 -45.67 -19.92 19.68
CA GLU B 359 -46.77 -19.50 18.83
C GLU B 359 -46.68 -18.03 18.44
N ALA B 360 -46.00 -17.21 19.23
CA ALA B 360 -45.88 -15.78 18.91
C ALA B 360 -44.96 -15.56 17.72
N ILE B 361 -43.80 -16.22 17.73
CA ILE B 361 -42.88 -16.11 16.60
C ILE B 361 -43.49 -16.73 15.35
N ALA B 362 -44.20 -17.85 15.51
CA ALA B 362 -44.78 -18.56 14.38
C ALA B 362 -45.71 -17.66 13.57
N TRP B 363 -46.81 -17.22 14.20
CA TRP B 363 -47.77 -16.37 13.53
C TRP B 363 -47.35 -14.90 13.53
N SER B 364 -46.12 -14.60 13.94
CA SER B 364 -45.56 -13.25 13.89
C SER B 364 -46.42 -12.23 14.60
N CYS B 365 -47.09 -12.64 15.69
CA CYS B 365 -48.00 -11.76 16.40
C CYS B 365 -47.27 -10.56 16.98
N ASN B 366 -47.77 -9.37 16.69
CA ASN B 366 -47.23 -8.15 17.27
C ASN B 366 -47.84 -7.85 18.64
N THR B 367 -49.11 -8.21 18.85
CA THR B 367 -49.76 -7.96 20.13
C THR B 367 -49.14 -8.77 21.26
N TRP B 368 -48.40 -9.83 20.95
CA TRP B 368 -47.62 -10.53 21.95
C TRP B 368 -46.57 -9.61 22.57
N TYR B 369 -45.68 -9.08 21.73
CA TYR B 369 -44.61 -8.21 22.20
C TYR B 369 -45.11 -6.86 22.69
N TYR B 370 -46.38 -6.53 22.45
CA TYR B 370 -46.96 -5.35 23.07
C TYR B 370 -47.28 -5.62 24.53
N GLN B 371 -47.95 -6.74 24.81
CA GLN B 371 -48.29 -7.09 26.19
C GLN B 371 -47.06 -7.48 27.00
N ALA B 372 -46.11 -8.18 26.37
CA ALA B 372 -44.96 -8.70 27.11
C ALA B 372 -44.02 -7.59 27.55
N VAL B 373 -43.83 -6.57 26.71
CA VAL B 373 -42.93 -5.48 27.06
C VAL B 373 -43.64 -4.48 27.98
N ALA B 374 -44.98 -4.41 27.93
CA ALA B 374 -45.73 -3.46 28.74
C ALA B 374 -45.53 -3.67 30.24
N GLN B 375 -44.95 -4.80 30.65
CA GLN B 375 -44.64 -4.99 32.06
C GLN B 375 -43.54 -4.05 32.52
N ASP B 376 -42.40 -4.08 31.83
CA ASP B 376 -41.24 -3.24 32.14
C ASP B 376 -40.78 -2.56 30.86
N PRO B 377 -41.47 -1.50 30.43
CA PRO B 377 -41.10 -0.85 29.16
C PRO B 377 -39.84 -0.01 29.23
N LEU B 378 -39.48 0.49 30.41
CA LEU B 378 -38.36 1.42 30.53
C LEU B 378 -37.02 0.74 30.75
N GLY B 379 -36.99 -0.41 31.41
CA GLY B 379 -35.74 -1.08 31.68
C GLY B 379 -35.37 -2.13 30.66
N PHE B 380 -36.36 -2.67 29.95
CA PHE B 380 -36.09 -3.72 28.97
C PHE B 380 -35.36 -3.18 27.75
N VAL B 381 -35.64 -1.93 27.36
CA VAL B 381 -35.08 -1.40 26.12
C VAL B 381 -33.56 -1.34 26.20
N ASP B 382 -33.01 -0.98 27.36
CA ASP B 382 -31.57 -1.02 27.53
C ASP B 382 -31.06 -2.46 27.58
N ARG B 383 -31.79 -3.34 28.28
CA ARG B 383 -31.43 -4.75 28.30
C ARG B 383 -31.68 -5.42 26.96
N LEU B 384 -32.60 -4.88 26.17
CA LEU B 384 -32.84 -5.42 24.83
C LEU B 384 -31.61 -5.27 23.95
N ALA B 385 -31.02 -4.08 23.94
CA ALA B 385 -29.82 -3.84 23.14
C ALA B 385 -28.62 -4.63 23.65
N ARG B 386 -28.62 -5.02 24.93
CA ARG B 386 -27.55 -5.88 25.44
C ARG B 386 -27.53 -7.21 24.70
N ARG B 387 -28.67 -7.92 24.71
CA ARG B 387 -28.76 -9.19 23.99
C ARG B 387 -28.69 -8.98 22.49
N ALA B 388 -29.19 -7.85 22.00
CA ALA B 388 -29.17 -7.59 20.56
C ALA B 388 -27.73 -7.46 20.06
N ARG B 389 -26.91 -6.69 20.76
CA ARG B 389 -25.49 -6.61 20.42
C ARG B 389 -24.76 -7.91 20.76
N LEU B 390 -25.34 -8.74 21.62
CA LEU B 390 -24.76 -10.04 21.92
C LEU B 390 -24.99 -11.04 20.80
N LEU B 391 -26.11 -10.92 20.09
CA LEU B 391 -26.42 -11.84 18.99
C LEU B 391 -25.67 -11.50 17.72
N GLY B 392 -25.22 -10.25 17.56
CA GLY B 392 -24.44 -9.87 16.38
C GLY B 392 -25.09 -8.79 15.56
N LEU B 393 -25.95 -7.99 16.18
CA LEU B 393 -26.71 -6.97 15.46
C LEU B 393 -26.08 -5.59 15.53
N GLY B 394 -25.38 -5.27 16.61
CA GLY B 394 -24.78 -3.96 16.76
C GLY B 394 -23.36 -3.90 16.23
N GLU B 395 -22.54 -4.88 16.59
CA GLU B 395 -21.13 -4.88 16.23
C GLU B 395 -20.95 -5.31 14.78
N ALA B 396 -19.70 -5.47 14.37
CA ALA B 396 -19.37 -5.81 12.99
C ALA B 396 -19.39 -7.33 12.78
N THR B 397 -19.58 -7.73 11.54
CA THR B 397 -19.65 -9.14 11.17
C THR B 397 -18.29 -9.76 10.89
N GLY B 398 -17.26 -8.94 10.69
CA GLY B 398 -15.97 -9.47 10.32
C GLY B 398 -15.80 -9.77 8.85
N LEU B 399 -16.63 -9.18 7.99
CA LEU B 399 -16.49 -9.35 6.56
C LEU B 399 -15.32 -8.52 6.03
N GLU B 400 -14.68 -9.04 4.99
CA GLU B 400 -13.57 -8.32 4.37
C GLU B 400 -14.05 -7.09 3.61
N VAL B 401 -15.25 -7.15 3.04
CA VAL B 401 -15.82 -6.01 2.35
C VAL B 401 -16.17 -4.93 3.36
N ALA B 402 -15.99 -3.66 2.96
CA ALA B 402 -16.39 -2.54 3.80
C ALA B 402 -17.85 -2.65 4.20
N GLU B 403 -18.13 -2.42 5.47
CA GLU B 403 -19.45 -2.62 6.05
C GLU B 403 -19.87 -1.35 6.77
N LYS B 404 -21.19 -1.13 6.83
CA LYS B 404 -21.75 0.06 7.45
C LYS B 404 -22.20 -0.24 8.88
N THR B 405 -22.34 0.82 9.67
CA THR B 405 -22.67 0.69 11.08
C THR B 405 -24.15 0.40 11.28
N GLY B 406 -24.46 -0.60 12.10
CA GLY B 406 -25.82 -0.92 12.46
C GLY B 406 -26.18 -0.29 13.78
N LEU B 407 -27.17 0.61 13.75
CA LEU B 407 -27.53 1.42 14.91
C LEU B 407 -28.56 0.68 15.76
N LEU B 408 -28.23 0.44 17.02
CA LEU B 408 -29.15 -0.12 17.99
C LEU B 408 -29.53 0.93 19.01
N PRO B 409 -30.81 1.08 19.35
CA PRO B 409 -31.22 2.13 20.28
C PRO B 409 -31.11 1.72 21.74
N THR B 410 -30.57 2.63 22.55
CA THR B 410 -30.53 2.51 24.00
C THR B 410 -31.06 3.80 24.61
N ARG B 411 -31.23 3.79 25.93
CA ARG B 411 -31.60 5.02 26.62
C ARG B 411 -30.47 6.04 26.54
N ALA B 412 -29.21 5.57 26.53
CA ALA B 412 -28.08 6.50 26.42
C ALA B 412 -28.02 7.14 25.04
N TRP B 413 -28.37 6.39 24.00
CA TRP B 413 -28.31 6.93 22.64
C TRP B 413 -29.37 8.02 22.44
N LYS B 414 -30.57 7.83 22.99
CA LYS B 414 -31.62 8.83 22.84
C LYS B 414 -31.31 10.10 23.61
N ARG B 415 -30.53 9.99 24.69
CA ARG B 415 -30.15 11.19 25.44
C ARG B 415 -29.20 12.07 24.64
N GLU B 416 -28.25 11.46 23.95
CA GLU B 416 -27.32 12.21 23.10
C GLU B 416 -27.91 12.56 21.75
N ALA B 417 -29.09 12.05 21.41
CA ALA B 417 -29.73 12.36 20.13
C ALA B 417 -30.42 13.72 20.18
N PRO B 421 -34.40 13.05 26.44
CA PRO B 421 -35.19 13.08 25.20
C PRO B 421 -35.83 11.73 24.88
N TRP B 422 -36.25 11.01 25.90
CA TRP B 422 -36.81 9.68 25.75
C TRP B 422 -38.26 9.67 26.24
N TYR B 423 -39.11 8.94 25.51
CA TYR B 423 -40.50 8.72 25.87
C TYR B 423 -40.78 7.22 25.99
N PRO B 424 -41.66 6.82 26.90
CA PRO B 424 -41.90 5.38 27.10
C PRO B 424 -42.59 4.71 25.94
N GLY B 425 -43.42 5.44 25.18
CA GLY B 425 -44.12 4.87 24.04
C GLY B 425 -43.23 4.46 22.89
N GLU B 426 -41.92 4.72 22.96
CA GLU B 426 -41.01 4.32 21.90
C GLU B 426 -40.59 2.86 22.00
N THR B 427 -40.69 2.25 23.19
CA THR B 427 -40.17 0.91 23.39
C THR B 427 -40.92 -0.12 22.55
N LEU B 428 -42.25 0.01 22.47
CA LEU B 428 -43.03 -0.95 21.70
C LEU B 428 -42.70 -0.89 20.22
N SER B 429 -42.52 0.31 19.68
CA SER B 429 -42.10 0.44 18.29
C SER B 429 -40.66 -0.03 18.10
N VAL B 430 -39.83 0.09 19.14
CA VAL B 430 -38.45 -0.38 19.06
C VAL B 430 -38.39 -1.90 19.18
N ALA B 431 -39.29 -2.50 19.96
CA ALA B 431 -39.28 -3.95 20.14
C ALA B 431 -39.51 -4.68 18.82
N ILE B 432 -40.37 -4.13 17.96
CA ILE B 432 -40.57 -4.75 16.65
C ILE B 432 -39.52 -4.28 15.66
N GLY B 433 -39.07 -3.03 15.77
CA GLY B 433 -38.02 -2.54 14.90
C GLY B 433 -38.33 -1.23 14.20
N GLN B 434 -39.37 -0.53 14.66
CA GLN B 434 -39.77 0.72 14.02
C GLN B 434 -38.89 1.88 14.47
N GLY B 435 -38.46 1.88 15.73
CA GLY B 435 -37.75 3.01 16.29
C GLY B 435 -36.29 3.12 15.91
N ALA B 436 -36.02 3.24 14.60
CA ALA B 436 -34.68 3.48 14.08
C ALA B 436 -33.70 2.39 14.50
N VAL B 437 -34.17 1.15 14.56
CA VAL B 437 -33.30 0.02 14.87
C VAL B 437 -32.60 -0.43 13.59
N LEU B 438 -31.77 0.45 13.04
CA LEU B 438 -31.15 0.19 11.74
C LEU B 438 -30.24 -1.02 11.79
N ALA B 439 -30.38 -1.91 10.82
CA ALA B 439 -29.57 -3.12 10.74
C ALA B 439 -29.32 -3.46 9.29
N THR B 440 -28.35 -4.35 9.07
CA THR B 440 -27.93 -4.75 7.74
C THR B 440 -28.25 -6.22 7.50
N PRO B 441 -28.54 -6.61 6.25
CA PRO B 441 -28.80 -8.03 5.98
C PRO B 441 -27.64 -8.95 6.36
N ALA B 442 -26.40 -8.47 6.28
CA ALA B 442 -25.27 -9.29 6.72
C ALA B 442 -25.35 -9.57 8.21
N GLN B 443 -25.59 -8.54 9.01
CA GLN B 443 -25.79 -8.74 10.45
C GLN B 443 -27.04 -9.55 10.71
N ILE B 444 -28.10 -9.33 9.91
CA ILE B 444 -29.34 -10.07 10.09
C ILE B 444 -29.14 -11.54 9.76
N ALA B 445 -28.34 -11.83 8.72
CA ALA B 445 -28.05 -13.22 8.39
C ALA B 445 -27.26 -13.91 9.49
N ARG B 446 -26.45 -13.15 10.23
CA ARG B 446 -25.69 -13.73 11.34
C ARG B 446 -26.55 -13.99 12.55
N MET B 447 -27.57 -13.15 12.79
CA MET B 447 -28.43 -13.34 13.95
C MET B 447 -29.19 -14.66 13.85
N LEU B 448 -29.57 -15.06 12.64
CA LEU B 448 -30.24 -16.34 12.46
C LEU B 448 -29.25 -17.49 12.58
N ALA B 449 -28.01 -17.29 12.14
CA ALA B 449 -27.02 -18.36 12.20
C ALA B 449 -26.65 -18.71 13.64
N THR B 450 -26.73 -17.75 14.56
CA THR B 450 -26.45 -18.04 15.96
C THR B 450 -27.53 -18.92 16.58
N ILE B 451 -28.80 -18.59 16.32
CA ILE B 451 -29.89 -19.36 16.91
C ILE B 451 -30.00 -20.72 16.26
N ALA B 452 -29.73 -20.80 14.95
CA ALA B 452 -29.77 -22.09 14.27
C ALA B 452 -28.72 -23.03 14.81
N THR B 453 -27.53 -22.51 15.11
CA THR B 453 -26.48 -23.32 15.73
C THR B 453 -26.71 -23.56 17.21
N GLY B 454 -27.47 -22.70 17.87
CA GLY B 454 -27.81 -22.90 19.27
C GLY B 454 -26.77 -22.40 20.25
N GLY B 455 -26.11 -21.29 19.95
CA GLY B 455 -25.13 -20.74 20.86
C GLY B 455 -23.90 -20.17 20.17
N ASN B 456 -23.37 -20.90 19.20
CA ASN B 456 -22.19 -20.44 18.49
C ASN B 456 -22.51 -19.18 17.68
N LYS B 457 -21.58 -18.23 17.71
CA LYS B 457 -21.70 -16.96 16.98
C LYS B 457 -20.54 -16.89 16.00
N PRO B 458 -20.64 -17.59 14.87
CA PRO B 458 -19.51 -17.63 13.93
C PRO B 458 -19.33 -16.31 13.21
N ALA B 459 -18.11 -16.08 12.76
CA ALA B 459 -17.76 -14.87 12.05
C ALA B 459 -17.88 -15.09 10.54
N LEU B 460 -18.53 -14.15 9.87
CA LEU B 460 -18.71 -14.23 8.43
C LEU B 460 -17.42 -13.84 7.71
N HIS B 461 -17.11 -14.56 6.64
CA HIS B 461 -15.88 -14.30 5.89
C HIS B 461 -16.04 -14.85 4.49
N LEU B 462 -15.79 -14.00 3.49
CA LEU B 462 -15.87 -14.45 2.11
C LEU B 462 -14.71 -15.36 1.74
N VAL B 463 -13.53 -15.13 2.33
CA VAL B 463 -12.32 -15.81 1.93
C VAL B 463 -12.23 -17.16 2.63
N LYS B 464 -11.94 -18.21 1.86
CA LYS B 464 -11.63 -19.51 2.41
C LYS B 464 -10.14 -19.78 2.49
N ALA B 465 -9.36 -19.26 1.55
CA ALA B 465 -7.92 -19.49 1.54
C ALA B 465 -7.25 -18.39 0.73
N ILE B 466 -6.31 -17.68 1.34
CA ILE B 466 -5.42 -16.75 0.65
C ILE B 466 -4.12 -17.50 0.36
N GLY B 467 -3.68 -17.44 -0.89
CA GLY B 467 -2.54 -18.25 -1.30
C GLY B 467 -2.82 -19.72 -1.08
N GLY B 468 -2.08 -20.34 -0.16
CA GLY B 468 -2.32 -21.71 0.20
C GLY B 468 -2.62 -21.90 1.68
N VAL B 469 -2.80 -20.79 2.40
CA VAL B 469 -3.00 -20.81 3.85
C VAL B 469 -4.51 -20.83 4.10
N PRO B 470 -5.07 -21.94 4.58
CA PRO B 470 -6.51 -21.96 4.90
C PRO B 470 -6.84 -21.06 6.08
N VAL B 471 -7.61 -20.00 5.83
CA VAL B 471 -8.01 -19.09 6.89
C VAL B 471 -8.92 -19.83 7.86
N GLN B 472 -8.52 -19.89 9.12
CA GLN B 472 -9.33 -20.59 10.11
C GLN B 472 -10.46 -19.68 10.61
N PRO B 473 -11.66 -20.21 10.80
CA PRO B 473 -12.78 -19.38 11.27
C PRO B 473 -12.72 -19.16 12.77
N ARG B 474 -13.09 -17.95 13.19
CA ARG B 474 -13.10 -17.57 14.59
C ARG B 474 -14.53 -17.63 15.12
N TRP B 475 -14.71 -18.35 16.22
CA TRP B 475 -16.02 -18.52 16.83
C TRP B 475 -16.13 -17.69 18.12
N GLU B 476 -17.31 -17.73 18.71
CA GLU B 476 -17.64 -17.09 19.97
C GLU B 476 -19.00 -17.60 20.41
N LYS B 477 -19.14 -17.92 21.68
CA LYS B 477 -20.40 -18.47 22.19
C LYS B 477 -21.14 -17.42 23.00
N VAL B 478 -22.46 -17.45 22.91
CA VAL B 478 -23.32 -16.52 23.64
C VAL B 478 -24.12 -17.31 24.68
N PRO B 479 -24.42 -16.73 25.83
CA PRO B 479 -25.16 -17.46 26.86
C PRO B 479 -26.64 -17.60 26.54
N GLY B 480 -27.06 -18.79 26.12
CA GLY B 480 -28.45 -19.03 25.83
C GLY B 480 -29.02 -20.21 26.60
N ARG B 481 -30.00 -19.94 27.46
CA ARG B 481 -30.57 -21.00 28.28
C ARG B 481 -31.66 -21.77 27.52
N TYR B 482 -32.44 -21.08 26.70
CA TYR B 482 -33.52 -21.70 25.93
C TYR B 482 -33.33 -21.35 24.46
N TRP B 483 -32.71 -22.28 23.72
CA TRP B 483 -32.53 -22.15 22.28
C TRP B 483 -33.60 -22.88 21.47
N LYS B 484 -33.99 -24.08 21.92
CA LYS B 484 -34.94 -24.88 21.17
C LYS B 484 -36.26 -24.14 20.97
N VAL B 485 -36.69 -23.38 21.98
CA VAL B 485 -37.94 -22.64 21.88
C VAL B 485 -37.91 -21.68 20.70
N LEU B 486 -36.78 -20.97 20.53
CA LEU B 486 -36.64 -20.09 19.37
C LEU B 486 -36.56 -20.88 18.07
N GLN B 487 -35.98 -22.07 18.11
CA GLN B 487 -35.87 -22.88 16.90
C GLN B 487 -37.22 -23.47 16.49
N GLU B 488 -38.00 -23.94 17.47
CA GLU B 488 -39.32 -24.47 17.16
C GLU B 488 -40.22 -23.38 16.59
N GLY B 489 -40.23 -22.20 17.22
CA GLY B 489 -41.05 -21.11 16.72
C GLY B 489 -40.66 -20.66 15.33
N LEU B 490 -39.40 -20.87 14.94
CA LEU B 490 -38.98 -20.53 13.59
C LEU B 490 -39.49 -21.54 12.58
N ARG B 491 -39.48 -22.83 12.93
CA ARG B 491 -40.08 -23.83 12.05
C ARG B 491 -41.59 -23.83 12.15
N LYS B 492 -42.14 -23.48 13.32
CA LYS B 492 -43.58 -23.31 13.44
C LYS B 492 -44.08 -22.19 12.54
N THR B 493 -43.21 -21.24 12.21
CA THR B 493 -43.56 -20.21 11.23
C THR B 493 -43.66 -20.79 9.83
N VAL B 494 -42.75 -21.70 9.48
CA VAL B 494 -42.83 -22.37 8.18
C VAL B 494 -43.94 -23.40 8.18
N SER B 495 -44.05 -24.18 9.26
CA SER B 495 -45.05 -25.24 9.31
C SER B 495 -46.46 -24.68 9.44
N GLU B 496 -46.64 -23.65 10.27
CA GLU B 496 -47.97 -23.12 10.53
C GLU B 496 -48.08 -21.60 10.43
N GLY B 497 -46.98 -20.86 10.44
CA GLY B 497 -47.05 -19.41 10.36
C GLY B 497 -47.17 -18.90 8.95
N THR B 498 -46.43 -17.83 8.65
CA THR B 498 -46.60 -17.15 7.37
C THR B 498 -46.10 -18.00 6.21
N ALA B 499 -44.99 -18.72 6.39
CA ALA B 499 -44.39 -19.47 5.30
C ALA B 499 -45.08 -20.82 5.12
N ARG B 500 -46.36 -20.88 5.48
CA ARG B 500 -47.09 -22.14 5.37
C ARG B 500 -47.28 -22.57 3.92
N PHE B 501 -47.61 -21.62 3.05
CA PHE B 501 -47.97 -21.99 1.68
C PHE B 501 -46.75 -22.25 0.80
N VAL B 502 -45.62 -21.60 1.08
CA VAL B 502 -44.42 -21.80 0.27
C VAL B 502 -43.62 -22.99 0.75
N LEU B 503 -43.28 -23.04 2.04
CA LEU B 503 -42.35 -24.02 2.57
C LEU B 503 -43.01 -25.11 3.41
N GLY B 504 -44.34 -25.11 3.52
CA GLY B 504 -45.00 -26.21 4.20
C GLY B 504 -44.82 -27.52 3.49
N GLU B 505 -45.14 -27.56 2.19
CA GLU B 505 -44.94 -28.74 1.37
C GLU B 505 -43.51 -28.86 0.87
N PHE B 506 -42.60 -28.00 1.33
CA PHE B 506 -41.21 -28.10 0.91
C PHE B 506 -40.57 -29.34 1.54
N PRO B 507 -39.70 -30.04 0.81
CA PRO B 507 -39.14 -31.28 1.37
C PRO B 507 -38.26 -31.05 2.60
N VAL B 508 -37.29 -30.15 2.52
CA VAL B 508 -36.37 -29.90 3.63
C VAL B 508 -37.08 -29.12 4.73
N PRO B 509 -37.14 -29.64 5.96
CA PRO B 509 -37.76 -28.88 7.05
C PRO B 509 -37.02 -27.59 7.36
N THR B 510 -37.61 -26.46 6.96
CA THR B 510 -36.99 -25.15 7.10
C THR B 510 -37.67 -24.37 8.21
N GLY B 511 -36.88 -23.56 8.92
CA GLY B 511 -37.42 -22.61 9.87
C GLY B 511 -37.07 -21.19 9.47
N GLY B 512 -37.87 -20.21 9.90
CA GLY B 512 -37.59 -18.84 9.54
C GLY B 512 -38.71 -17.93 10.01
N LYS B 513 -38.62 -16.67 9.60
CA LYS B 513 -39.60 -15.66 9.97
C LYS B 513 -39.65 -14.58 8.91
N THR B 514 -40.86 -14.16 8.56
CA THR B 514 -41.05 -13.10 7.57
C THR B 514 -40.86 -11.73 8.21
N GLY B 515 -40.60 -10.73 7.36
CA GLY B 515 -40.38 -9.38 7.84
C GLY B 515 -40.88 -8.30 6.91
N THR B 516 -41.62 -7.35 7.47
CA THR B 516 -42.09 -6.17 6.75
C THR B 516 -41.85 -4.95 7.62
N ALA B 517 -41.31 -3.90 7.02
CA ALA B 517 -40.88 -2.70 7.76
C ALA B 517 -41.60 -1.48 7.20
N GLU B 518 -42.46 -0.89 8.03
CA GLU B 518 -43.12 0.37 7.67
C GLU B 518 -42.08 1.42 7.35
N THR B 519 -41.97 1.79 6.07
CA THR B 519 -40.95 2.72 5.64
C THR B 519 -41.18 4.10 6.26
N PRO B 520 -40.12 4.78 6.69
CA PRO B 520 -40.31 6.07 7.37
C PRO B 520 -40.81 7.18 6.46
N GLY B 521 -40.65 7.04 5.14
CA GLY B 521 -41.05 8.07 4.21
C GLY B 521 -42.51 8.46 4.28
N LYS B 522 -43.39 7.51 3.96
CA LYS B 522 -44.82 7.79 3.99
C LYS B 522 -45.67 6.69 4.61
N ARG B 523 -45.15 5.48 4.80
CA ARG B 523 -45.91 4.37 5.38
C ARG B 523 -47.18 4.11 4.58
N ARG B 524 -47.05 4.13 3.25
CA ARG B 524 -48.19 4.12 2.34
C ARG B 524 -48.48 2.75 1.74
N GLY B 525 -48.03 1.67 2.38
CA GLY B 525 -48.35 0.33 1.93
C GLY B 525 -47.22 -0.42 1.26
N LEU B 526 -46.08 0.22 1.02
CA LEU B 526 -44.91 -0.44 0.43
C LEU B 526 -43.83 -0.51 1.50
N GLU B 527 -43.68 -1.69 2.10
CA GLU B 527 -42.77 -1.90 3.21
C GLU B 527 -41.49 -2.58 2.71
N HIS B 528 -40.55 -2.82 3.63
CA HIS B 528 -39.30 -3.49 3.31
C HIS B 528 -39.50 -5.00 3.41
N ALA B 529 -39.38 -5.69 2.28
CA ALA B 529 -39.62 -7.12 2.23
C ALA B 529 -38.44 -7.87 2.85
N TRP B 530 -38.69 -8.53 3.97
CA TRP B 530 -37.68 -9.32 4.67
C TRP B 530 -38.13 -10.76 4.81
N TYR B 531 -37.15 -11.67 4.83
CA TYR B 531 -37.37 -13.03 5.30
C TYR B 531 -36.04 -13.74 5.59
N MET B 532 -35.93 -14.33 6.77
CA MET B 532 -34.78 -15.16 7.14
C MET B 532 -35.23 -16.61 7.19
N GLY B 533 -34.30 -17.52 6.87
CA GLY B 533 -34.61 -18.93 6.91
C GLY B 533 -33.39 -19.81 6.94
N TYR B 534 -33.26 -20.63 7.99
CA TYR B 534 -32.09 -21.47 8.15
C TYR B 534 -32.38 -22.91 7.69
N GLY B 535 -31.35 -23.75 7.72
CA GLY B 535 -31.39 -25.05 7.10
C GLY B 535 -32.23 -26.08 7.85
N PRO B 536 -31.88 -27.36 7.66
CA PRO B 536 -32.72 -28.44 8.20
C PRO B 536 -32.81 -28.44 9.72
N THR B 537 -33.99 -28.10 10.24
CA THR B 537 -34.21 -28.18 11.68
C THR B 537 -34.03 -29.61 12.18
N ASP B 538 -34.68 -30.57 11.51
CA ASP B 538 -34.51 -31.97 11.84
C ASP B 538 -33.23 -32.51 11.18
N GLY B 539 -32.73 -33.60 11.75
CA GLY B 539 -31.48 -34.20 11.30
C GLY B 539 -31.59 -34.96 9.99
N SER B 540 -32.03 -34.29 8.93
CA SER B 540 -32.02 -34.90 7.61
C SER B 540 -30.63 -34.76 6.99
N PRO B 541 -30.20 -35.73 6.17
CA PRO B 541 -28.84 -35.70 5.62
C PRO B 541 -28.65 -34.59 4.59
N TYR B 542 -28.72 -33.34 5.03
CA TYR B 542 -28.47 -32.19 4.18
C TYR B 542 -27.57 -31.20 4.90
N PRO B 543 -26.65 -30.55 4.19
CA PRO B 543 -25.78 -29.58 4.84
C PRO B 543 -26.57 -28.35 5.28
N PRO B 544 -26.16 -27.71 6.37
CA PRO B 544 -26.90 -26.54 6.86
C PRO B 544 -26.73 -25.34 5.94
N LEU B 545 -27.68 -24.42 6.03
CA LEU B 545 -27.66 -23.21 5.22
C LEU B 545 -28.59 -22.18 5.84
N VAL B 546 -28.15 -20.92 5.81
CA VAL B 546 -28.97 -19.78 6.24
C VAL B 546 -29.07 -18.82 5.06
N VAL B 547 -30.30 -18.38 4.77
CA VAL B 547 -30.55 -17.45 3.67
C VAL B 547 -31.39 -16.29 4.20
N VAL B 548 -31.04 -15.07 3.78
CA VAL B 548 -31.78 -13.87 4.11
C VAL B 548 -31.92 -13.02 2.86
N ALA B 549 -33.14 -12.63 2.52
CA ALA B 549 -33.42 -11.82 1.35
C ALA B 549 -34.05 -10.50 1.77
N PHE B 550 -33.52 -9.40 1.23
CA PHE B 550 -34.02 -8.06 1.52
C PHE B 550 -34.34 -7.34 0.22
N PHE B 551 -35.37 -6.51 0.26
CA PHE B 551 -35.77 -5.73 -0.92
C PHE B 551 -36.28 -4.37 -0.45
N GLU B 552 -35.66 -3.30 -0.95
CA GLU B 552 -36.07 -1.95 -0.59
C GLU B 552 -37.48 -1.67 -1.07
N ASN B 553 -38.37 -1.36 -0.13
CA ASN B 553 -39.75 -0.95 -0.42
C ASN B 553 -40.51 -1.99 -1.25
N GLY B 554 -40.00 -3.23 -1.28
CA GLY B 554 -40.68 -4.27 -2.04
C GLY B 554 -42.04 -4.64 -1.46
N GLY B 555 -42.17 -4.60 -0.14
CA GLY B 555 -43.43 -4.91 0.50
C GLY B 555 -43.78 -6.38 0.46
N GLU B 556 -44.64 -6.82 1.37
CA GLU B 556 -45.11 -8.20 1.42
C GLU B 556 -43.94 -9.18 1.42
N GLY B 557 -43.25 -9.22 2.57
CA GLY B 557 -42.13 -10.14 2.72
C GLY B 557 -42.52 -11.58 2.48
N SER B 558 -43.76 -11.96 2.80
CA SER B 558 -44.25 -13.28 2.48
C SER B 558 -44.35 -13.51 0.98
N ARG B 559 -44.65 -12.47 0.22
CA ARG B 559 -44.87 -12.60 -1.22
C ARG B 559 -43.61 -12.38 -2.05
N VAL B 560 -42.66 -11.59 -1.55
CA VAL B 560 -41.46 -11.23 -2.30
C VAL B 560 -40.23 -11.92 -1.75
N ALA B 561 -39.96 -11.78 -0.45
CA ALA B 561 -38.73 -12.30 0.12
C ALA B 561 -38.79 -13.81 0.32
N LEU B 562 -39.90 -14.31 0.84
CA LEU B 562 -40.04 -15.75 1.10
C LEU B 562 -39.81 -16.62 -0.14
N PRO B 563 -40.35 -16.32 -1.32
CA PRO B 563 -40.02 -17.15 -2.49
C PRO B 563 -38.58 -17.00 -2.93
N ALA B 564 -37.96 -15.84 -2.71
CA ALA B 564 -36.55 -15.68 -3.07
C ALA B 564 -35.67 -16.64 -2.28
N VAL B 565 -36.00 -16.88 -1.01
CA VAL B 565 -35.25 -17.84 -0.22
C VAL B 565 -35.58 -19.26 -0.68
N ARG B 566 -36.82 -19.51 -1.07
CA ARG B 566 -37.19 -20.83 -1.58
C ARG B 566 -36.39 -21.19 -2.82
N LYS B 567 -36.10 -20.19 -3.67
CA LYS B 567 -35.30 -20.45 -4.86
C LYS B 567 -33.86 -20.77 -4.49
N VAL B 568 -33.24 -19.93 -3.66
CA VAL B 568 -31.85 -20.15 -3.28
C VAL B 568 -31.70 -21.44 -2.49
N MET B 569 -32.66 -21.74 -1.61
CA MET B 569 -32.65 -23.02 -0.90
C MET B 569 -32.80 -24.17 -1.89
N ALA B 570 -33.66 -24.01 -2.90
CA ALA B 570 -33.84 -25.07 -3.88
C ALA B 570 -32.56 -25.30 -4.67
N ALA B 571 -31.81 -24.24 -4.97
CA ALA B 571 -30.56 -24.40 -5.69
C ALA B 571 -29.49 -25.06 -4.83
N TYR B 572 -29.50 -24.78 -3.53
CA TYR B 572 -28.49 -25.35 -2.64
C TYR B 572 -28.69 -26.84 -2.46
N TRP B 573 -29.86 -27.25 -1.96
CA TRP B 573 -30.14 -28.66 -1.73
C TRP B 573 -30.55 -29.40 -3.00
N GLY B 574 -30.54 -28.74 -4.16
CA GLY B 574 -30.89 -29.39 -5.40
C GLY B 574 -32.33 -29.85 -5.44
N ILE B 575 -33.26 -28.94 -5.19
CA ILE B 575 -34.69 -29.26 -5.19
C ILE B 575 -35.20 -29.17 -6.62
N LYS B 576 -35.66 -30.29 -7.15
CA LYS B 576 -36.15 -30.35 -8.53
C LYS B 576 -37.57 -29.79 -8.62
N GLY B 577 -37.86 -29.16 -9.76
CA GLY B 577 -39.19 -28.64 -10.01
C GLY B 577 -40.06 -29.64 -10.73
N SER B 578 -40.85 -29.16 -11.69
CA SER B 578 -41.71 -30.03 -12.50
C SER B 578 -40.84 -30.72 -13.54
N LEU B 579 -40.13 -31.76 -13.09
CA LEU B 579 -39.21 -32.51 -13.93
C LEU B 579 -39.60 -34.00 -13.85
N GLU B 580 -40.74 -34.33 -14.46
CA GLU B 580 -41.23 -35.71 -14.48
C GLU B 580 -40.53 -36.57 -15.52
N VAL B 581 -39.69 -35.98 -16.37
CA VAL B 581 -38.96 -36.73 -17.38
C VAL B 581 -37.76 -37.46 -16.75
N UNK C 1 -3.94 -18.87 -16.27
CA UNK C 1 -3.55 -18.93 -17.68
C UNK C 1 -2.09 -18.53 -17.86
N UNK C 2 -1.85 -17.60 -18.79
CA UNK C 2 -0.50 -17.13 -19.11
C UNK C 2 -0.45 -15.62 -18.87
N UNK C 3 -0.25 -15.23 -17.62
CA UNK C 3 -0.02 -13.83 -17.27
C UNK C 3 1.45 -13.50 -17.07
N UNK C 4 2.28 -14.49 -16.72
CA UNK C 4 3.72 -14.29 -16.60
C UNK C 4 4.45 -14.42 -17.92
N UNK C 5 3.84 -15.04 -18.92
CA UNK C 5 4.46 -15.20 -20.25
C UNK C 5 4.21 -13.94 -21.09
N UNK C 6 4.66 -12.81 -20.56
CA UNK C 6 4.54 -11.51 -21.22
C UNK C 6 5.90 -11.04 -21.75
N UNK C 7 6.67 -11.95 -22.33
CA UNK C 7 7.99 -11.65 -22.84
C UNK C 7 7.99 -11.17 -24.29
N UNK C 8 6.83 -11.10 -24.93
CA UNK C 8 6.75 -10.67 -26.31
C UNK C 8 6.68 -9.14 -26.38
N UNK C 9 6.32 -8.61 -27.54
CA UNK C 9 6.28 -7.16 -27.73
C UNK C 9 5.04 -6.58 -27.05
N UNK C 10 5.26 -5.59 -26.17
CA UNK C 10 4.19 -4.97 -25.43
C UNK C 10 3.88 -3.55 -25.91
N UNK C 11 4.65 -3.02 -26.86
CA UNK C 11 4.46 -1.67 -27.40
C UNK C 11 4.46 -0.62 -26.29
#